data_5K94
#
_entry.id   5K94
#
_cell.length_a   140.880
_cell.length_b   165.260
_cell.length_c   43.820
_cell.angle_alpha   90.000
_cell.angle_beta   90.000
_cell.angle_gamma   90.000
#
_symmetry.space_group_name_H-M   'P 21 21 2'
#
loop_
_entity.id
_entity.type
_entity.pdbx_description
1 polymer 'Maltose-binding periplasmic protein,Protein translocase subunit SecA,Maltose-binding periplasmic protein'
2 non-polymer 2-[3-(2-HYDROXY-1,1-DIHYDROXYMETHYL-ETHYLAMINO)-PROPYLAMINO]-2-HYDROXYMETHYL-PROPANE-1,3-DIOL
3 water water
#
_entity_poly.entity_id   1
_entity_poly.type   'polypeptide(L)'
_entity_poly.pdbx_seq_one_letter_code
;GAKIEEGKLVIWINGDKGYNGLAEVGKKFEKDTGIKVTVEHPDKLEEKFPQVAATGDGPDIIFWAHDRFGGYAQSGLLAE
ITPDKAFQDKLYPFTWDAVRYNGKLIAYPIAVEALSLIYNKDLLPNPPKTWEEIPALDKELKAKGKSALMFNLQEPYFTW
PLIAADGGYAFKYAEDSSEMYKRVNKIIPHLIRQEKEDSETFQGEGHFSVDEKSRQVNLTERGLVLIEELLVKEGIMDEG
ESLYSPANIMLMHHVTAALRAHALFTRDVDYIVKDGEVIIVDEHTGRTMQGRRWSDGLHQAVEAKEGVQIQNEYDIKDVG
VDNAGAKAGLTFLVDLIKNKHMNADTDYSIAEAAFNKGETAMTINGPWAWSNIDTSKVNYGVTVLPTFKGQPSKPFVGVL
SAGINAASPNKELAKEFLENYLLTDEGLEAVNKDKPLGAVALKSYEEELAKDPRIAATMENAQKGEIMPNIPQMSAFWYA
VRTAVINAASGRQTVDEALKDAQTRITK
;
_entity_poly.pdbx_strand_id   A,B
#
# COMPACT_ATOMS: atom_id res chain seq x y z
N LYS A 3 22.13 21.75 -13.78
CA LYS A 3 20.72 21.73 -14.15
C LYS A 3 20.51 21.37 -15.61
N ILE A 4 19.37 20.77 -15.90
CA ILE A 4 19.03 20.31 -17.24
C ILE A 4 18.08 21.33 -17.87
N GLU A 5 18.42 21.80 -19.07
CA GLU A 5 17.66 22.84 -19.75
C GLU A 5 16.21 22.44 -19.95
N GLU A 6 15.29 23.12 -19.29
CA GLU A 6 13.87 22.84 -19.43
C GLU A 6 13.36 23.35 -20.77
N GLY A 7 12.32 22.69 -21.28
CA GLY A 7 11.71 23.08 -22.54
C GLY A 7 12.35 22.47 -23.76
N LYS A 8 13.20 21.45 -23.60
CA LYS A 8 13.79 20.76 -24.73
C LYS A 8 14.20 19.37 -24.26
N LEU A 9 14.81 18.60 -25.17
CA LEU A 9 15.19 17.22 -24.89
C LEU A 9 16.62 16.98 -25.34
N VAL A 10 17.44 16.47 -24.43
CA VAL A 10 18.79 15.99 -24.74
C VAL A 10 18.77 14.48 -24.59
N ILE A 11 19.15 13.77 -25.64
CA ILE A 11 19.08 12.32 -25.69
C ILE A 11 20.48 11.77 -25.95
N TRP A 12 20.85 10.73 -25.20
CA TRP A 12 22.13 10.05 -25.38
C TRP A 12 21.90 8.64 -25.88
N ILE A 13 22.59 8.28 -26.97
CA ILE A 13 22.56 6.93 -27.52
C ILE A 13 23.96 6.62 -28.05
N ASN A 14 24.34 5.35 -27.96
CA ASN A 14 25.73 4.97 -28.19
C ASN A 14 26.12 5.15 -29.67
N GLY A 15 27.43 5.08 -29.92
CA GLY A 15 27.93 5.35 -31.25
C GLY A 15 27.50 4.35 -32.30
N ASP A 16 27.27 3.10 -31.90
CA ASP A 16 26.95 2.05 -32.84
C ASP A 16 25.47 1.95 -33.18
N LYS A 17 24.64 2.87 -32.68
CA LYS A 17 23.21 2.85 -32.93
C LYS A 17 22.83 3.91 -33.96
N GLY A 18 21.61 3.79 -34.46
CA GLY A 18 21.13 4.73 -35.46
C GLY A 18 20.69 6.06 -34.88
N TYR A 19 21.65 6.92 -34.54
CA TYR A 19 21.33 8.20 -33.93
C TYR A 19 20.75 9.19 -34.94
N ASN A 20 21.17 9.12 -36.21
CA ASN A 20 20.59 9.99 -37.22
C ASN A 20 19.11 9.69 -37.42
N GLY A 21 18.75 8.39 -37.43
CA GLY A 21 17.34 8.04 -37.43
C GLY A 21 16.64 8.47 -36.16
N LEU A 22 17.35 8.44 -35.03
CA LEU A 22 16.79 8.97 -33.79
C LEU A 22 16.65 10.48 -33.84
N ALA A 23 17.58 11.17 -34.51
CA ALA A 23 17.38 12.60 -34.76
C ALA A 23 16.19 12.84 -35.67
N GLU A 24 15.89 11.88 -36.55
CA GLU A 24 14.79 12.06 -37.50
C GLU A 24 13.44 11.96 -36.81
N VAL A 25 13.26 10.99 -35.91
CA VAL A 25 12.02 10.95 -35.14
C VAL A 25 11.93 12.17 -34.23
N GLY A 26 13.07 12.67 -33.75
CA GLY A 26 13.08 13.94 -33.05
C GLY A 26 12.80 15.13 -33.96
N LYS A 27 13.07 15.00 -35.26
CA LYS A 27 12.70 16.07 -36.18
C LYS A 27 11.19 16.15 -36.36
N LYS A 28 10.52 14.99 -36.48
CA LYS A 28 9.06 15.00 -36.41
C LYS A 28 8.59 15.58 -35.10
N PHE A 29 9.38 15.43 -34.04
CA PHE A 29 9.04 16.03 -32.75
C PHE A 29 9.27 17.55 -32.76
N GLU A 30 10.45 17.96 -33.23
CA GLU A 30 10.77 19.39 -33.20
C GLU A 30 9.82 20.20 -34.06
N LYS A 31 9.47 19.68 -35.24
CA LYS A 31 8.61 20.45 -36.14
C LYS A 31 7.15 20.39 -35.73
N ASP A 32 6.74 19.40 -34.94
CA ASP A 32 5.35 19.28 -34.55
C ASP A 32 5.01 20.08 -33.31
N THR A 33 5.92 20.13 -32.32
CA THR A 33 5.65 20.83 -31.07
C THR A 33 6.66 21.92 -30.76
N GLY A 34 7.58 22.22 -31.67
CA GLY A 34 8.53 23.29 -31.45
C GLY A 34 9.53 23.03 -30.34
N ILE A 35 9.82 21.77 -30.04
CA ILE A 35 10.75 21.40 -28.99
C ILE A 35 11.98 20.79 -29.65
N LYS A 36 13.10 21.49 -29.58
CA LYS A 36 14.33 21.02 -30.19
C LYS A 36 14.89 19.82 -29.44
N VAL A 37 15.33 18.81 -30.19
CA VAL A 37 15.82 17.56 -29.62
C VAL A 37 17.26 17.39 -30.05
N THR A 38 18.19 17.63 -29.12
CA THR A 38 19.61 17.43 -29.37
C THR A 38 19.95 15.97 -29.06
N VAL A 39 20.29 15.21 -30.09
CA VAL A 39 20.71 13.83 -29.93
C VAL A 39 22.23 13.80 -29.96
N GLU A 40 22.84 13.45 -28.84
CA GLU A 40 24.28 13.32 -28.73
C GLU A 40 24.65 11.84 -28.62
N HIS A 41 25.83 11.49 -29.11
CA HIS A 41 26.39 10.15 -28.99
C HIS A 41 27.77 10.24 -28.35
N PRO A 42 27.83 10.65 -27.07
CA PRO A 42 29.12 10.94 -26.46
C PRO A 42 29.99 9.70 -26.31
N ASP A 43 31.29 9.94 -26.13
CA ASP A 43 32.22 8.86 -25.87
C ASP A 43 32.03 8.33 -24.46
N LYS A 44 32.01 7.01 -24.32
CA LYS A 44 31.91 6.35 -23.01
C LYS A 44 30.69 6.85 -22.24
N LEU A 45 29.56 7.00 -22.93
CA LEU A 45 28.40 7.63 -22.30
C LEU A 45 27.82 6.76 -21.19
N GLU A 46 28.03 5.44 -21.24
CA GLU A 46 27.55 4.60 -20.15
C GLU A 46 28.35 4.80 -18.87
N GLU A 47 29.57 5.33 -18.98
CA GLU A 47 30.36 5.67 -17.81
C GLU A 47 30.15 7.13 -17.38
N LYS A 48 29.78 7.99 -18.32
CA LYS A 48 29.58 9.41 -18.00
C LYS A 48 28.22 9.68 -17.38
N PHE A 49 27.20 8.90 -17.74
CA PHE A 49 25.86 9.16 -17.22
C PHE A 49 25.77 9.06 -15.71
N PRO A 50 26.23 8.00 -15.05
CA PRO A 50 26.11 7.95 -13.58
C PRO A 50 26.90 9.02 -12.87
N GLN A 51 27.84 9.69 -13.55
CA GLN A 51 28.55 10.81 -12.95
C GLN A 51 27.73 12.09 -13.04
N VAL A 52 27.28 12.44 -14.24
CA VAL A 52 26.55 13.70 -14.42
C VAL A 52 25.17 13.64 -13.79
N ALA A 53 24.51 12.48 -13.85
CA ALA A 53 23.19 12.36 -13.25
C ALA A 53 23.23 12.42 -11.72
N ALA A 54 24.37 12.08 -11.11
CA ALA A 54 24.49 12.19 -9.67
C ALA A 54 24.52 13.65 -9.22
N THR A 55 24.98 14.54 -10.09
CA THR A 55 25.02 15.97 -9.81
C THR A 55 23.80 16.71 -10.34
N GLY A 56 22.77 15.99 -10.79
CA GLY A 56 21.60 16.63 -11.34
C GLY A 56 21.75 17.12 -12.77
N ASP A 57 22.76 16.63 -13.50
CA ASP A 57 22.98 17.01 -14.88
C ASP A 57 22.76 15.80 -15.78
N GLY A 58 23.21 15.92 -17.02
CA GLY A 58 23.08 14.84 -17.99
C GLY A 58 21.90 15.04 -18.91
N PRO A 59 21.70 14.08 -19.82
CA PRO A 59 20.61 14.19 -20.78
C PRO A 59 19.27 13.88 -20.13
N ASP A 60 18.19 14.25 -20.83
CA ASP A 60 16.87 13.87 -20.37
C ASP A 60 16.62 12.38 -20.56
N ILE A 61 17.14 11.80 -21.64
CA ILE A 61 16.91 10.41 -22.00
C ILE A 61 18.25 9.75 -22.30
N ILE A 62 18.43 8.52 -21.81
CA ILE A 62 19.62 7.73 -22.10
C ILE A 62 19.18 6.39 -22.65
N PHE A 63 19.80 5.98 -23.76
CA PHE A 63 19.59 4.68 -24.37
C PHE A 63 20.75 3.76 -24.01
N TRP A 64 20.44 2.60 -23.44
CA TRP A 64 21.47 1.61 -23.16
C TRP A 64 20.80 0.26 -22.89
N ALA A 65 21.62 -0.79 -22.92
CA ALA A 65 21.15 -2.11 -22.54
C ALA A 65 20.59 -2.09 -21.13
N HIS A 66 19.52 -2.86 -20.92
CA HIS A 66 18.78 -2.81 -19.66
C HIS A 66 19.65 -3.17 -18.46
N ASP A 67 20.63 -4.08 -18.64
CA ASP A 67 21.38 -4.60 -17.51
C ASP A 67 22.16 -3.50 -16.80
N ARG A 68 22.56 -2.45 -17.53
CA ARG A 68 23.25 -1.34 -16.91
C ARG A 68 22.29 -0.46 -16.11
N PHE A 69 21.01 -0.45 -16.48
CA PHE A 69 20.05 0.41 -15.80
C PHE A 69 19.78 -0.04 -14.36
N GLY A 70 20.16 -1.28 -14.02
CA GLY A 70 20.05 -1.71 -12.64
C GLY A 70 20.95 -0.91 -11.71
N GLY A 71 22.19 -0.67 -12.14
CA GLY A 71 23.09 0.16 -11.35
C GLY A 71 22.68 1.62 -11.34
N TYR A 72 22.09 2.11 -12.43
CA TYR A 72 21.62 3.49 -12.47
C TYR A 72 20.47 3.69 -11.50
N ALA A 73 19.46 2.82 -11.56
CA ALA A 73 18.33 2.91 -10.65
C ALA A 73 18.75 2.69 -9.20
N GLN A 74 19.86 1.98 -8.97
CA GLN A 74 20.36 1.81 -7.61
C GLN A 74 20.69 3.15 -6.98
N SER A 75 21.24 4.08 -7.75
CA SER A 75 21.55 5.42 -7.27
C SER A 75 20.42 6.41 -7.48
N GLY A 76 19.21 5.93 -7.77
CA GLY A 76 18.09 6.81 -8.01
C GLY A 76 18.26 7.73 -9.20
N LEU A 77 19.06 7.32 -10.19
CA LEU A 77 19.36 8.15 -11.34
C LEU A 77 18.25 8.15 -12.39
N LEU A 78 17.36 7.16 -12.36
CA LEU A 78 16.33 7.00 -13.37
C LEU A 78 14.96 7.24 -12.75
N ALA A 79 14.14 8.01 -13.46
CA ALA A 79 12.78 8.27 -13.02
C ALA A 79 11.90 7.05 -13.26
N GLU A 80 11.00 6.79 -12.31
CA GLU A 80 10.01 5.74 -12.50
C GLU A 80 9.04 6.18 -13.60
N ILE A 81 9.07 5.47 -14.73
CA ILE A 81 8.20 5.82 -15.83
C ILE A 81 6.76 5.42 -15.52
N THR A 82 5.81 6.09 -16.17
CA THR A 82 4.38 5.88 -15.92
C THR A 82 3.64 5.62 -17.22
N PRO A 83 3.88 4.49 -17.87
CA PRO A 83 3.00 4.09 -18.98
C PRO A 83 1.75 3.42 -18.44
N ASP A 84 0.60 3.78 -19.00
CA ASP A 84 -0.62 3.14 -18.59
C ASP A 84 -0.63 1.68 -19.03
N LYS A 85 -1.61 0.93 -18.51
CA LYS A 85 -1.68 -0.50 -18.81
C LYS A 85 -1.91 -0.74 -20.30
N ALA A 86 -2.59 0.19 -20.98
CA ALA A 86 -2.87 0.00 -22.40
C ALA A 86 -1.59 0.07 -23.23
N PHE A 87 -0.67 0.97 -22.86
CA PHE A 87 0.56 1.09 -23.63
C PHE A 87 1.51 -0.08 -23.37
N GLN A 88 1.54 -0.56 -22.11
CA GLN A 88 2.39 -1.70 -21.79
C GLN A 88 1.99 -2.94 -22.57
N ASP A 89 0.70 -3.08 -22.89
CA ASP A 89 0.24 -4.20 -23.69
C ASP A 89 0.74 -4.14 -25.13
N LYS A 90 1.28 -3.00 -25.57
CA LYS A 90 1.81 -2.88 -26.92
C LYS A 90 3.21 -3.45 -27.05
N LEU A 91 3.84 -3.86 -25.94
CA LEU A 91 5.15 -4.49 -25.97
C LEU A 91 5.04 -5.93 -25.51
N TYR A 92 6.05 -6.72 -25.86
CA TYR A 92 6.12 -8.09 -25.37
C TYR A 92 6.28 -8.08 -23.86
N PRO A 93 5.45 -8.82 -23.11
CA PRO A 93 5.48 -8.72 -21.64
C PRO A 93 6.84 -9.00 -21.02
N PHE A 94 7.63 -9.89 -21.60
CA PHE A 94 8.92 -10.22 -20.99
C PHE A 94 9.92 -9.07 -21.11
N THR A 95 9.71 -8.15 -22.06
CA THR A 95 10.59 -6.99 -22.16
C THR A 95 10.43 -6.05 -20.98
N TRP A 96 9.22 -5.96 -20.42
CA TRP A 96 9.01 -5.12 -19.25
C TRP A 96 9.71 -5.67 -18.02
N ASP A 97 9.96 -6.98 -17.98
CA ASP A 97 10.72 -7.56 -16.88
C ASP A 97 12.16 -7.07 -16.88
N ALA A 98 12.68 -6.65 -18.04
CA ALA A 98 14.06 -6.20 -18.14
C ALA A 98 14.27 -4.79 -17.59
N VAL A 99 13.20 -4.00 -17.47
CA VAL A 99 13.33 -2.60 -17.07
C VAL A 99 12.70 -2.39 -15.70
N ARG A 100 12.69 -3.44 -14.87
CA ARG A 100 12.15 -3.36 -13.53
C ARG A 100 13.29 -3.39 -12.52
N TYR A 101 13.30 -2.42 -11.61
CA TYR A 101 14.21 -2.39 -10.49
C TYR A 101 13.43 -2.07 -9.23
N ASN A 102 13.60 -2.89 -8.20
CA ASN A 102 12.84 -2.76 -6.95
C ASN A 102 11.34 -2.72 -7.23
N GLY A 103 10.91 -3.51 -8.21
CA GLY A 103 9.52 -3.57 -8.61
C GLY A 103 9.05 -2.45 -9.52
N LYS A 104 9.79 -1.35 -9.59
CA LYS A 104 9.37 -0.19 -10.36
C LYS A 104 9.92 -0.25 -11.77
N LEU A 105 9.12 0.19 -12.74
CA LEU A 105 9.59 0.35 -14.11
C LEU A 105 10.46 1.61 -14.19
N ILE A 106 11.61 1.49 -14.84
CA ILE A 106 12.56 2.60 -14.85
C ILE A 106 13.10 2.87 -16.25
N ALA A 107 12.50 2.25 -17.27
CA ALA A 107 12.93 2.45 -18.65
C ALA A 107 11.91 1.84 -19.59
N TYR A 108 11.96 2.30 -20.85
CA TYR A 108 11.12 1.76 -21.92
C TYR A 108 11.90 0.76 -22.75
N PRO A 109 11.41 -0.47 -22.89
CA PRO A 109 12.10 -1.43 -23.78
C PRO A 109 12.01 -0.99 -25.23
N ILE A 110 13.12 -1.17 -25.95
CA ILE A 110 13.19 -0.75 -27.35
C ILE A 110 13.47 -1.95 -28.24
N ALA A 111 14.62 -2.60 -28.04
CA ALA A 111 15.06 -3.68 -28.89
C ALA A 111 15.47 -4.88 -28.05
N VAL A 112 15.62 -6.02 -28.71
CA VAL A 112 15.88 -7.30 -28.05
C VAL A 112 17.00 -8.01 -28.79
N GLU A 113 17.99 -8.52 -28.04
CA GLU A 113 19.16 -9.15 -28.61
C GLU A 113 19.48 -10.43 -27.86
N ALA A 114 19.87 -11.47 -28.59
CA ALA A 114 20.23 -12.75 -27.99
C ALA A 114 21.04 -13.56 -28.98
N LEU A 115 21.71 -14.59 -28.47
CA LEU A 115 22.47 -15.49 -29.31
C LEU A 115 21.53 -16.37 -30.14
N SER A 116 22.02 -16.76 -31.32
CA SER A 116 21.29 -17.69 -32.18
C SER A 116 22.28 -18.67 -32.79
N LEU A 117 21.74 -19.73 -33.39
CA LEU A 117 22.55 -20.69 -34.12
C LEU A 117 22.75 -20.19 -35.55
N ILE A 118 24.00 -19.99 -35.94
CA ILE A 118 24.37 -19.57 -37.29
C ILE A 118 24.96 -20.77 -38.01
N TYR A 119 24.43 -21.07 -39.19
CA TYR A 119 24.82 -22.28 -39.91
C TYR A 119 25.11 -21.96 -41.37
N ASN A 120 25.93 -22.82 -41.97
CA ASN A 120 26.32 -22.70 -43.37
C ASN A 120 25.31 -23.51 -44.21
N LYS A 121 24.55 -22.80 -45.05
CA LYS A 121 23.53 -23.46 -45.86
C LYS A 121 24.15 -24.45 -46.84
N ASP A 122 25.35 -24.17 -47.35
CA ASP A 122 25.95 -25.05 -48.34
C ASP A 122 26.51 -26.32 -47.72
N LEU A 123 27.20 -26.19 -46.59
CA LEU A 123 27.73 -27.37 -45.88
C LEU A 123 26.66 -28.10 -45.09
N LEU A 124 25.60 -27.41 -44.69
CA LEU A 124 24.61 -27.97 -43.77
C LEU A 124 23.25 -27.34 -44.05
N PRO A 125 22.53 -27.86 -45.05
CA PRO A 125 21.23 -27.26 -45.39
C PRO A 125 20.18 -27.45 -44.32
N ASN A 126 20.23 -28.56 -43.57
CA ASN A 126 19.29 -28.85 -42.49
C ASN A 126 20.03 -28.84 -41.17
N PRO A 127 20.14 -27.69 -40.49
CA PRO A 127 20.88 -27.67 -39.23
C PRO A 127 20.18 -28.51 -38.18
N PRO A 128 20.92 -29.05 -37.21
CA PRO A 128 20.32 -29.97 -36.24
C PRO A 128 19.41 -29.25 -35.26
N LYS A 129 18.35 -29.96 -34.87
CA LYS A 129 17.41 -29.45 -33.88
C LYS A 129 17.89 -29.67 -32.44
N THR A 130 18.77 -30.64 -32.22
CA THR A 130 19.19 -31.01 -30.88
C THR A 130 20.71 -30.95 -30.77
N TRP A 131 21.20 -30.74 -29.54
CA TRP A 131 22.62 -30.87 -29.28
C TRP A 131 23.10 -32.31 -29.43
N GLU A 132 22.22 -33.27 -29.15
CA GLU A 132 22.63 -34.67 -29.08
C GLU A 132 23.09 -35.22 -30.44
N GLU A 133 22.60 -34.65 -31.54
CA GLU A 133 22.95 -35.14 -32.86
C GLU A 133 24.17 -34.47 -33.45
N ILE A 134 24.85 -33.61 -32.69
CA ILE A 134 26.04 -32.91 -33.16
C ILE A 134 27.25 -33.86 -33.21
N PRO A 135 27.46 -34.75 -32.24
CA PRO A 135 28.58 -35.70 -32.36
C PRO A 135 28.61 -36.49 -33.66
N ALA A 136 27.49 -37.12 -34.04
CA ALA A 136 27.48 -37.89 -35.27
C ALA A 136 27.59 -36.99 -36.50
N LEU A 137 27.04 -35.78 -36.42
CA LEU A 137 27.20 -34.83 -37.52
C LEU A 137 28.65 -34.41 -37.68
N ASP A 138 29.38 -34.27 -36.57
CA ASP A 138 30.77 -33.88 -36.63
C ASP A 138 31.62 -34.94 -37.32
N LYS A 139 31.47 -36.20 -36.89
CA LYS A 139 32.17 -37.30 -37.55
C LYS A 139 31.91 -37.30 -39.04
N GLU A 140 30.67 -37.03 -39.44
CA GLU A 140 30.31 -36.99 -40.85
C GLU A 140 31.02 -35.86 -41.59
N LEU A 141 31.21 -34.72 -40.94
CA LEU A 141 31.90 -33.60 -41.58
C LEU A 141 33.41 -33.69 -41.49
N LYS A 142 33.95 -34.33 -40.44
CA LYS A 142 35.40 -34.50 -40.34
C LYS A 142 35.95 -35.29 -41.52
N ALA A 143 35.21 -36.30 -41.97
CA ALA A 143 35.61 -37.06 -43.14
C ALA A 143 35.61 -36.22 -44.41
N LYS A 144 34.90 -35.10 -44.42
CA LYS A 144 34.91 -34.16 -45.54
C LYS A 144 35.82 -32.97 -45.28
N GLY A 145 36.66 -33.03 -44.26
CA GLY A 145 37.55 -31.92 -43.95
C GLY A 145 36.90 -30.74 -43.28
N LYS A 146 35.74 -30.93 -42.66
CA LYS A 146 35.02 -29.85 -42.00
C LYS A 146 34.66 -30.26 -40.58
N SER A 147 34.19 -29.30 -39.80
CA SER A 147 33.71 -29.55 -38.45
C SER A 147 32.27 -29.06 -38.32
N ALA A 148 31.56 -29.61 -37.34
CA ALA A 148 30.14 -29.31 -37.19
C ALA A 148 29.91 -27.95 -36.56
N LEU A 149 30.63 -27.64 -35.47
CA LEU A 149 30.32 -26.46 -34.69
C LEU A 149 31.57 -25.90 -34.04
N MET A 150 31.72 -24.57 -34.10
CA MET A 150 32.79 -23.87 -33.40
C MET A 150 32.24 -22.55 -32.88
N PHE A 151 32.33 -22.35 -31.57
CA PHE A 151 31.92 -21.10 -30.96
C PHE A 151 32.80 -20.83 -29.74
N ASN A 152 32.72 -19.59 -29.26
CA ASN A 152 33.58 -19.14 -28.16
C ASN A 152 33.31 -19.93 -26.88
N LEU A 153 34.29 -20.74 -26.47
CA LEU A 153 34.17 -21.52 -25.24
C LEU A 153 34.81 -20.85 -24.04
N GLN A 154 35.52 -19.74 -24.23
CA GLN A 154 36.22 -19.09 -23.13
C GLN A 154 35.29 -18.24 -22.28
N GLU A 155 34.22 -17.71 -22.86
CA GLU A 155 33.31 -16.83 -22.16
C GLU A 155 31.99 -17.53 -21.87
N PRO A 156 31.56 -17.58 -20.61
CA PRO A 156 30.33 -18.33 -20.28
C PRO A 156 29.07 -17.77 -20.92
N TYR A 157 29.10 -16.53 -21.41
CA TYR A 157 27.96 -15.99 -22.13
C TYR A 157 27.55 -16.89 -23.29
N PHE A 158 28.51 -17.55 -23.94
CA PHE A 158 28.22 -18.39 -25.09
C PHE A 158 27.93 -19.83 -24.72
N THR A 159 28.48 -20.33 -23.62
CA THR A 159 28.25 -21.71 -23.21
C THR A 159 27.06 -21.87 -22.28
N TRP A 160 26.64 -20.81 -21.61
CA TRP A 160 25.51 -20.92 -20.69
C TRP A 160 24.19 -21.35 -21.34
N PRO A 161 23.87 -20.99 -22.59
CA PRO A 161 22.61 -21.50 -23.18
C PRO A 161 22.46 -23.01 -23.10
N LEU A 162 23.54 -23.75 -23.29
CA LEU A 162 23.46 -25.20 -23.17
C LEU A 162 23.38 -25.63 -21.69
N ILE A 163 24.11 -24.94 -20.82
CA ILE A 163 24.12 -25.30 -19.41
C ILE A 163 22.77 -25.04 -18.77
N ALA A 164 22.05 -24.01 -19.23
CA ALA A 164 20.77 -23.65 -18.65
C ALA A 164 19.60 -24.48 -19.18
N ALA A 165 19.78 -25.19 -20.30
CA ALA A 165 18.66 -25.85 -20.97
C ALA A 165 17.95 -26.83 -20.05
N ASP A 166 18.70 -27.66 -19.34
CA ASP A 166 18.10 -28.72 -18.52
C ASP A 166 17.79 -28.27 -17.10
N GLY A 167 18.06 -27.02 -16.75
CA GLY A 167 17.67 -26.54 -15.44
C GLY A 167 18.62 -25.58 -14.76
N GLY A 168 19.76 -25.32 -15.38
CA GLY A 168 20.70 -24.36 -14.82
C GLY A 168 20.15 -22.94 -14.91
N TYR A 169 20.40 -22.16 -13.86
CA TYR A 169 19.98 -20.76 -13.85
C TYR A 169 20.90 -19.96 -12.93
N ALA A 170 20.97 -18.66 -13.20
CA ALA A 170 21.80 -17.78 -12.38
C ALA A 170 21.10 -17.45 -11.06
N PHE A 171 20.06 -16.63 -11.11
CA PHE A 171 19.27 -16.27 -9.95
C PHE A 171 17.80 -16.49 -10.27
N LYS A 172 17.11 -17.23 -9.41
CA LYS A 172 15.74 -17.65 -9.70
C LYS A 172 14.82 -16.44 -9.80
N TYR A 173 14.11 -16.35 -10.91
CA TYR A 173 13.13 -15.29 -11.19
C TYR A 173 11.82 -15.99 -11.54
N ALA A 174 11.08 -16.39 -10.51
CA ALA A 174 9.92 -17.26 -10.70
C ALA A 174 8.77 -16.51 -11.36
N GLU A 175 8.10 -17.21 -12.30
CA GLU A 175 6.96 -16.61 -12.99
C GLU A 175 5.73 -16.57 -12.09
N ASP A 176 5.47 -17.65 -11.35
CA ASP A 176 4.34 -17.72 -10.42
C ASP A 176 4.70 -17.20 -9.03
N SER A 177 5.69 -16.31 -8.93
CA SER A 177 6.13 -15.81 -7.63
C SER A 177 5.02 -15.05 -6.93
N SER A 178 4.40 -14.09 -7.64
CA SER A 178 3.30 -13.34 -7.05
C SER A 178 2.16 -14.26 -6.62
N GLU A 179 1.82 -15.24 -7.47
CA GLU A 179 0.77 -16.19 -7.11
C GLU A 179 1.20 -17.08 -5.96
N MET A 180 2.50 -17.37 -5.86
CA MET A 180 2.97 -18.25 -4.78
C MET A 180 2.88 -17.56 -3.43
N TYR A 181 3.27 -16.28 -3.35
CA TYR A 181 3.16 -15.55 -2.10
C TYR A 181 1.71 -15.44 -1.64
N LYS A 182 0.77 -15.33 -2.58
CA LYS A 182 -0.63 -15.25 -2.21
C LYS A 182 -1.15 -16.59 -1.70
N ARG A 183 -0.81 -17.68 -2.38
CA ARG A 183 -1.32 -18.99 -1.99
C ARG A 183 -0.71 -19.45 -0.67
N VAL A 184 0.59 -19.22 -0.47
CA VAL A 184 1.23 -19.58 0.79
C VAL A 184 0.69 -18.71 1.92
N ASN A 185 0.28 -17.48 1.62
CA ASN A 185 -0.22 -16.59 2.66
C ASN A 185 -1.52 -17.11 3.27
N LYS A 186 -2.30 -17.88 2.51
CA LYS A 186 -3.53 -18.47 3.04
C LYS A 186 -3.26 -19.51 4.11
N ILE A 187 -2.02 -20.02 4.20
CA ILE A 187 -1.72 -21.08 5.15
C ILE A 187 -1.64 -20.53 6.57
N ILE A 188 -1.12 -19.32 6.72
CA ILE A 188 -0.78 -18.72 8.01
C ILE A 188 -1.93 -18.75 9.03
N PRO A 189 -3.18 -18.45 8.66
CA PRO A 189 -4.25 -18.48 9.67
C PRO A 189 -4.44 -19.81 10.36
N HIS A 190 -3.95 -20.91 9.79
CA HIS A 190 -4.06 -22.22 10.43
C HIS A 190 -2.99 -22.48 11.47
N LEU A 191 -1.94 -21.68 11.52
CA LEU A 191 -0.73 -22.02 12.27
C LEU A 191 -0.77 -21.38 13.65
N ILE A 192 -0.50 -22.20 14.68
CA ILE A 192 -0.50 -21.77 16.07
C ILE A 192 0.92 -21.47 16.49
N ARG A 193 1.13 -20.28 17.07
CA ARG A 193 2.43 -19.93 17.61
C ARG A 193 2.59 -20.49 19.02
N GLN A 194 3.75 -21.06 19.30
CA GLN A 194 4.08 -21.54 20.63
C GLN A 194 5.23 -20.73 21.20
N GLU A 195 5.46 -20.92 22.50
CA GLU A 195 6.37 -20.06 23.25
C GLU A 195 7.79 -20.15 22.71
N LYS A 196 8.28 -21.37 22.46
CA LYS A 196 9.66 -21.57 22.08
C LYS A 196 9.78 -22.88 21.33
N GLU A 197 11.00 -23.21 20.93
CA GLU A 197 11.26 -24.48 20.27
C GLU A 197 11.04 -25.64 21.24
N ASP A 198 10.61 -26.77 20.69
CA ASP A 198 10.55 -27.99 21.47
C ASP A 198 11.97 -28.43 21.85
N SER A 199 12.12 -28.87 23.09
CA SER A 199 13.41 -29.32 23.59
C SER A 199 13.19 -30.56 24.44
N GLU A 200 14.24 -30.99 25.15
CA GLU A 200 14.11 -32.13 26.04
C GLU A 200 13.19 -31.82 27.22
N THR A 201 13.10 -30.54 27.60
CA THR A 201 12.32 -30.12 28.76
C THR A 201 11.01 -29.45 28.40
N PHE A 202 10.64 -29.39 27.12
CA PHE A 202 9.44 -28.67 26.72
C PHE A 202 8.90 -29.25 25.42
N GLN A 203 7.62 -29.63 25.44
CA GLN A 203 6.89 -30.06 24.25
C GLN A 203 5.69 -29.15 24.10
N GLY A 204 5.77 -28.22 23.15
CA GLY A 204 4.68 -27.31 22.89
C GLY A 204 3.56 -27.97 22.11
N GLU A 205 2.48 -27.20 21.93
CA GLU A 205 1.33 -27.64 21.14
C GLU A 205 1.15 -26.80 19.89
N GLY A 206 2.12 -25.97 19.54
CA GLY A 206 2.01 -25.07 18.41
C GLY A 206 2.72 -25.60 17.17
N HIS A 207 2.68 -24.76 16.13
CA HIS A 207 3.26 -25.11 14.84
C HIS A 207 4.53 -24.35 14.50
N PHE A 208 4.80 -23.24 15.21
CA PHE A 208 6.04 -22.51 15.03
C PHE A 208 6.31 -21.71 16.29
N SER A 209 7.56 -21.29 16.44
CA SER A 209 7.98 -20.40 17.50
C SER A 209 8.78 -19.26 16.89
N VAL A 210 8.94 -18.19 17.67
CA VAL A 210 9.55 -16.95 17.17
C VAL A 210 10.69 -16.56 18.09
N ASP A 211 11.90 -16.50 17.55
CA ASP A 211 13.03 -15.91 18.24
C ASP A 211 12.99 -14.41 18.00
N GLU A 212 12.61 -13.65 19.03
CA GLU A 212 12.34 -12.22 18.84
C GLU A 212 13.63 -11.43 18.61
N LYS A 213 14.73 -11.82 19.26
CA LYS A 213 15.94 -11.01 19.17
C LYS A 213 16.60 -11.12 17.80
N SER A 214 16.51 -12.27 17.15
CA SER A 214 17.04 -12.42 15.80
C SER A 214 16.00 -12.17 14.72
N ARG A 215 14.73 -12.02 15.10
CA ARG A 215 13.62 -11.85 14.15
C ARG A 215 13.60 -13.00 13.15
N GLN A 216 13.57 -14.22 13.67
CA GLN A 216 13.49 -15.43 12.86
C GLN A 216 12.44 -16.35 13.46
N VAL A 217 11.96 -17.28 12.63
CA VAL A 217 10.91 -18.22 13.02
C VAL A 217 11.42 -19.64 12.80
N ASN A 218 11.02 -20.54 13.71
CA ASN A 218 11.41 -21.94 13.65
C ASN A 218 10.15 -22.80 13.62
N LEU A 219 10.03 -23.63 12.59
CA LEU A 219 8.91 -24.55 12.50
C LEU A 219 9.06 -25.66 13.53
N THR A 220 7.93 -26.09 14.07
CA THR A 220 7.93 -27.26 14.93
C THR A 220 7.70 -28.51 14.08
N GLU A 221 7.98 -29.67 14.70
CA GLU A 221 7.75 -30.95 14.03
C GLU A 221 6.31 -31.05 13.54
N ARG A 222 5.36 -30.74 14.43
CA ARG A 222 3.95 -30.78 14.06
C ARG A 222 3.59 -29.65 13.10
N GLY A 223 4.29 -28.53 13.17
CA GLY A 223 4.05 -27.47 12.21
C GLY A 223 4.53 -27.81 10.81
N LEU A 224 5.72 -28.40 10.72
CA LEU A 224 6.22 -28.85 9.42
C LEU A 224 5.28 -29.85 8.78
N VAL A 225 4.68 -30.73 9.59
CA VAL A 225 3.74 -31.71 9.07
C VAL A 225 2.48 -31.02 8.55
N LEU A 226 1.90 -30.13 9.35
CA LEU A 226 0.66 -29.48 8.96
C LEU A 226 0.86 -28.58 7.75
N ILE A 227 1.98 -27.86 7.69
CA ILE A 227 2.25 -26.99 6.55
C ILE A 227 2.40 -27.82 5.28
N GLU A 228 3.16 -28.93 5.37
CA GLU A 228 3.25 -29.84 4.23
C GLU A 228 1.87 -30.38 3.85
N GLU A 229 1.03 -30.66 4.84
CA GLU A 229 -0.36 -31.01 4.56
C GLU A 229 -1.08 -29.88 3.84
N LEU A 230 -0.85 -28.64 4.27
CA LEU A 230 -1.57 -27.50 3.69
C LEU A 230 -1.05 -27.19 2.28
N LEU A 231 0.25 -27.37 2.04
CA LEU A 231 0.80 -27.08 0.72
C LEU A 231 0.39 -28.14 -0.29
N VAL A 232 0.33 -29.41 0.13
CA VAL A 232 -0.03 -30.48 -0.78
C VAL A 232 -1.48 -30.36 -1.24
N LYS A 233 -2.38 -29.99 -0.32
CA LYS A 233 -3.80 -29.99 -0.65
C LYS A 233 -4.15 -28.87 -1.61
N GLU A 234 -3.58 -27.68 -1.43
CA GLU A 234 -3.86 -26.55 -2.31
C GLU A 234 -3.06 -26.61 -3.61
N GLY A 235 -2.48 -27.76 -3.95
CA GLY A 235 -1.81 -27.96 -5.22
C GLY A 235 -0.44 -27.34 -5.34
N ILE A 236 0.17 -26.91 -4.24
CA ILE A 236 1.46 -26.23 -4.33
C ILE A 236 2.61 -27.23 -4.34
N MET A 237 2.47 -28.32 -3.59
CA MET A 237 3.52 -29.31 -3.44
C MET A 237 2.97 -30.70 -3.75
N ASP A 238 3.81 -31.55 -4.32
CA ASP A 238 3.41 -32.92 -4.63
C ASP A 238 3.23 -33.73 -3.35
N GLU A 239 2.52 -34.85 -3.48
CA GLU A 239 1.96 -35.53 -2.31
C GLU A 239 3.03 -36.11 -1.40
N GLY A 240 4.16 -36.56 -1.96
CA GLY A 240 5.19 -37.16 -1.14
C GLY A 240 6.52 -36.45 -1.20
N GLU A 241 6.54 -35.18 -0.81
CA GLU A 241 7.74 -34.36 -0.81
C GLU A 241 8.02 -33.80 0.58
N SER A 242 9.16 -33.15 0.70
CA SER A 242 9.57 -32.48 1.92
C SER A 242 9.90 -31.03 1.63
N LEU A 243 9.58 -30.15 2.59
CA LEU A 243 9.96 -28.75 2.48
C LEU A 243 11.48 -28.61 2.45
N TYR A 244 12.17 -29.36 3.31
CA TYR A 244 13.62 -29.26 3.42
C TYR A 244 14.36 -29.85 2.22
N SER A 245 13.66 -30.53 1.32
CA SER A 245 14.30 -31.05 0.12
C SER A 245 14.76 -29.90 -0.77
N PRO A 246 15.87 -30.08 -1.49
CA PRO A 246 16.36 -28.99 -2.36
C PRO A 246 15.43 -28.67 -3.51
N ALA A 247 14.47 -29.56 -3.83
CA ALA A 247 13.55 -29.27 -4.92
C ALA A 247 12.53 -28.20 -4.53
N ASN A 248 12.26 -28.05 -3.24
CA ASN A 248 11.28 -27.09 -2.74
C ASN A 248 11.93 -25.89 -2.07
N ILE A 249 13.12 -25.48 -2.56
CA ILE A 249 13.82 -24.36 -1.95
C ILE A 249 13.03 -23.08 -2.11
N MET A 250 12.43 -22.86 -3.29
CA MET A 250 11.55 -21.71 -3.46
C MET A 250 10.38 -21.78 -2.50
N LEU A 251 9.77 -22.96 -2.35
CA LEU A 251 8.65 -23.12 -1.43
C LEU A 251 9.08 -22.91 0.02
N MET A 252 10.31 -23.28 0.36
CA MET A 252 10.81 -23.06 1.72
C MET A 252 11.00 -21.57 1.99
N HIS A 253 11.53 -20.83 1.02
CA HIS A 253 11.69 -19.39 1.20
C HIS A 253 10.34 -18.68 1.36
N HIS A 254 9.28 -19.26 0.80
CA HIS A 254 7.96 -18.64 0.91
C HIS A 254 7.35 -18.89 2.28
N VAL A 255 7.45 -20.11 2.80
CA VAL A 255 6.92 -20.40 4.13
C VAL A 255 7.62 -19.56 5.18
N THR A 256 8.95 -19.48 5.09
CA THR A 256 9.71 -18.66 6.04
C THR A 256 9.34 -17.19 5.94
N ALA A 257 9.19 -16.68 4.72
CA ALA A 257 8.89 -15.27 4.53
C ALA A 257 7.48 -14.93 5.01
N ALA A 258 6.50 -15.80 4.73
CA ALA A 258 5.13 -15.52 5.14
C ALA A 258 5.00 -15.51 6.66
N LEU A 259 5.66 -16.45 7.34
CA LEU A 259 5.59 -16.49 8.80
C LEU A 259 6.25 -15.27 9.43
N ARG A 260 7.40 -14.85 8.89
CA ARG A 260 8.04 -13.64 9.40
C ARG A 260 7.17 -12.41 9.14
N ALA A 261 6.53 -12.34 7.97
CA ALA A 261 5.71 -11.19 7.63
C ALA A 261 4.53 -11.04 8.59
N HIS A 262 3.98 -12.16 9.08
CA HIS A 262 2.87 -12.09 10.02
C HIS A 262 3.33 -11.93 11.46
N ALA A 263 4.39 -12.63 11.86
CA ALA A 263 4.76 -12.70 13.27
C ALA A 263 5.66 -11.55 13.70
N LEU A 264 6.49 -11.01 12.80
CA LEU A 264 7.60 -10.16 13.20
C LEU A 264 7.50 -8.72 12.72
N PHE A 265 6.66 -8.41 11.73
CA PHE A 265 6.60 -7.07 11.17
C PHE A 265 5.17 -6.56 11.21
N THR A 266 5.00 -5.34 11.71
CA THR A 266 3.69 -4.80 12.06
C THR A 266 3.44 -3.51 11.29
N ARG A 267 2.25 -3.39 10.72
CA ARG A 267 1.87 -2.16 10.02
C ARG A 267 1.88 -0.98 10.97
N ASP A 268 2.34 0.16 10.46
CA ASP A 268 2.48 1.41 11.21
C ASP A 268 3.50 1.30 12.35
N VAL A 269 4.39 0.32 12.28
CA VAL A 269 5.51 0.21 13.21
C VAL A 269 6.78 -0.03 12.40
N ASP A 270 6.84 -1.18 11.72
CA ASP A 270 7.97 -1.49 10.85
C ASP A 270 7.74 -1.04 9.42
N TYR A 271 6.49 -0.87 9.00
CA TYR A 271 6.17 -0.46 7.64
C TYR A 271 4.80 0.20 7.65
N ILE A 272 4.50 0.90 6.57
CA ILE A 272 3.17 1.46 6.36
C ILE A 272 2.65 0.96 5.02
N VAL A 273 1.32 0.99 4.88
CA VAL A 273 0.65 0.72 3.62
C VAL A 273 0.16 2.06 3.09
N LYS A 274 0.80 2.54 2.03
CA LYS A 274 0.54 3.89 1.51
C LYS A 274 0.38 3.83 0.00
N ASP A 275 -0.79 4.22 -0.49
CA ASP A 275 -1.09 4.30 -1.93
C ASP A 275 -0.82 2.97 -2.62
N GLY A 276 -1.14 1.88 -1.95
CA GLY A 276 -0.97 0.56 -2.54
C GLY A 276 0.44 0.02 -2.52
N GLU A 277 1.29 0.49 -1.61
CA GLU A 277 2.66 0.01 -1.50
C GLU A 277 3.00 -0.24 -0.05
N VAL A 278 3.91 -1.18 0.18
CA VAL A 278 4.50 -1.41 1.50
C VAL A 278 5.80 -0.61 1.56
N ILE A 279 5.87 0.34 2.48
CA ILE A 279 7.00 1.24 2.63
C ILE A 279 7.58 1.08 4.03
N ILE A 280 8.87 0.75 4.11
CA ILE A 280 9.51 0.51 5.39
C ILE A 280 9.61 1.80 6.19
N VAL A 281 9.40 1.69 7.50
CA VAL A 281 9.69 2.77 8.44
C VAL A 281 11.05 2.42 9.04
N ASP A 282 12.12 2.98 8.48
CA ASP A 282 13.46 2.49 8.77
C ASP A 282 13.87 2.74 10.21
N GLU A 283 13.88 4.01 10.64
CA GLU A 283 14.31 4.37 11.97
C GLU A 283 13.12 4.86 12.79
N HIS A 284 13.06 4.40 14.04
CA HIS A 284 12.00 4.78 14.96
C HIS A 284 11.97 6.31 15.12
N THR A 285 10.89 6.93 14.65
CA THR A 285 10.76 8.40 14.63
C THR A 285 11.92 9.07 13.90
N GLY A 286 12.50 8.38 12.92
CA GLY A 286 13.61 8.91 12.14
C GLY A 286 13.30 8.97 10.66
N ARG A 287 14.27 8.62 9.82
CA ARG A 287 14.08 8.54 8.37
C ARG A 287 13.02 7.47 8.02
N THR A 288 11.90 7.87 7.39
CA THR A 288 10.63 7.13 7.43
C THR A 288 10.18 6.48 6.13
N MET A 289 10.52 7.02 4.97
CA MET A 289 10.00 6.51 3.71
C MET A 289 11.14 6.53 2.71
N GLN A 290 11.26 5.47 1.94
CA GLN A 290 12.31 5.35 0.94
C GLN A 290 11.87 4.32 -0.08
N GLY A 291 12.71 4.10 -1.06
CA GLY A 291 12.56 3.02 -2.00
C GLY A 291 13.25 1.74 -1.58
N ARG A 292 13.79 1.69 -0.36
CA ARG A 292 14.49 0.51 0.12
C ARG A 292 13.53 -0.66 0.28
N ARG A 293 14.08 -1.87 0.22
CA ARG A 293 13.29 -3.09 0.21
C ARG A 293 13.92 -4.12 1.13
N TRP A 294 13.07 -4.88 1.82
CA TRP A 294 13.54 -5.99 2.64
C TRP A 294 13.96 -7.16 1.76
N SER A 295 14.93 -7.92 2.25
CA SER A 295 15.49 -9.05 1.50
C SER A 295 14.80 -10.35 1.92
N ASP A 296 15.25 -11.45 1.31
CA ASP A 296 14.78 -12.80 1.63
C ASP A 296 13.28 -12.95 1.42
N GLY A 297 12.73 -12.26 0.41
CA GLY A 297 11.32 -12.35 0.10
C GLY A 297 10.39 -11.79 1.15
N LEU A 298 10.93 -11.12 2.18
CA LEU A 298 10.08 -10.61 3.26
C LEU A 298 9.14 -9.52 2.76
N HIS A 299 9.67 -8.58 1.98
CA HIS A 299 8.82 -7.50 1.46
C HIS A 299 7.69 -8.05 0.62
N GLN A 300 7.98 -9.05 -0.21
CA GLN A 300 6.92 -9.68 -1.01
C GLN A 300 5.90 -10.37 -0.10
N ALA A 301 6.37 -10.98 0.99
CA ALA A 301 5.45 -11.65 1.90
C ALA A 301 4.57 -10.65 2.64
N VAL A 302 5.14 -9.49 3.01
CA VAL A 302 4.33 -8.44 3.61
C VAL A 302 3.33 -7.90 2.61
N GLU A 303 3.73 -7.81 1.34
CA GLU A 303 2.81 -7.36 0.29
C GLU A 303 1.66 -8.35 0.12
N ALA A 304 1.96 -9.65 0.16
CA ALA A 304 0.89 -10.65 0.10
C ALA A 304 0.00 -10.57 1.34
N LYS A 305 0.60 -10.36 2.51
CA LYS A 305 -0.18 -10.25 3.74
C LYS A 305 -1.11 -9.04 3.70
N GLU A 306 -0.64 -7.92 3.16
CA GLU A 306 -1.44 -6.69 3.10
C GLU A 306 -2.27 -6.59 1.84
N GLY A 307 -2.15 -7.54 0.91
CA GLY A 307 -2.97 -7.51 -0.28
C GLY A 307 -2.65 -6.40 -1.26
N VAL A 308 -1.41 -5.93 -1.28
CA VAL A 308 -0.97 -4.98 -2.28
C VAL A 308 -0.23 -5.73 -3.38
N GLN A 309 0.04 -5.04 -4.49
CA GLN A 309 0.65 -5.70 -5.64
C GLN A 309 2.04 -6.22 -5.28
N ILE A 310 2.24 -7.51 -5.49
CA ILE A 310 3.51 -8.16 -5.16
C ILE A 310 4.52 -7.86 -6.26
N GLN A 311 5.57 -7.12 -5.90
CA GLN A 311 6.59 -6.71 -6.85
C GLN A 311 7.64 -7.81 -6.99
N ASN A 312 7.74 -8.37 -8.20
CA ASN A 312 8.65 -9.49 -8.43
C ASN A 312 10.10 -9.03 -8.45
N GLU A 313 10.99 -9.91 -7.99
CA GLU A 313 12.42 -9.63 -7.96
C GLU A 313 13.17 -10.95 -8.00
N TYR A 314 14.50 -10.84 -8.13
CA TYR A 314 15.36 -12.01 -8.13
C TYR A 314 15.61 -12.51 -6.70
N ASP A 315 15.75 -13.82 -6.57
CA ASP A 315 16.12 -14.45 -5.31
C ASP A 315 17.63 -14.69 -5.37
N ILE A 316 18.40 -13.76 -4.81
CA ILE A 316 19.85 -13.84 -4.85
C ILE A 316 20.40 -14.98 -4.00
N LYS A 317 19.55 -15.65 -3.23
CA LYS A 317 19.95 -16.81 -2.43
C LYS A 317 19.53 -18.13 -3.07
N ASP A 318 18.97 -18.08 -4.28
CA ASP A 318 18.59 -19.29 -5.02
C ASP A 318 19.38 -19.29 -6.32
N VAL A 319 20.52 -19.99 -6.31
CA VAL A 319 21.44 -20.05 -7.45
C VAL A 319 21.46 -21.48 -7.97
N GLY A 320 21.24 -21.63 -9.27
CA GLY A 320 21.20 -22.95 -9.88
C GLY A 320 22.38 -23.23 -10.78
N VAL A 321 23.59 -23.18 -10.22
CA VAL A 321 24.81 -23.37 -11.01
C VAL A 321 25.29 -24.80 -10.87
N ASP A 322 25.02 -25.43 -9.72
CA ASP A 322 25.48 -26.79 -9.48
C ASP A 322 24.32 -27.79 -9.36
N ASN A 323 23.17 -27.48 -9.94
CA ASN A 323 22.06 -28.42 -9.92
C ASN A 323 22.21 -29.44 -11.04
N ALA A 324 21.31 -30.43 -11.07
CA ALA A 324 21.43 -31.53 -12.01
C ALA A 324 21.33 -31.05 -13.46
N GLY A 325 20.49 -30.04 -13.72
CA GLY A 325 20.36 -29.53 -15.08
C GLY A 325 21.64 -28.88 -15.58
N ALA A 326 22.30 -28.11 -14.72
CA ALA A 326 23.55 -27.47 -15.11
C ALA A 326 24.66 -28.48 -15.28
N LYS A 327 24.70 -29.50 -14.42
CA LYS A 327 25.71 -30.55 -14.56
C LYS A 327 25.53 -31.33 -15.85
N ALA A 328 24.28 -31.59 -16.24
CA ALA A 328 24.04 -32.34 -17.47
C ALA A 328 24.46 -31.54 -18.70
N GLY A 329 24.18 -30.23 -18.71
CA GLY A 329 24.55 -29.42 -19.85
C GLY A 329 26.05 -29.27 -20.01
N LEU A 330 26.75 -28.97 -18.91
CA LEU A 330 28.19 -28.80 -18.98
C LEU A 330 28.90 -30.12 -19.25
N THR A 331 28.34 -31.24 -18.77
CA THR A 331 28.93 -32.54 -19.07
C THR A 331 28.89 -32.82 -20.57
N PHE A 332 27.78 -32.48 -21.22
CA PHE A 332 27.68 -32.67 -22.66
C PHE A 332 28.68 -31.79 -23.40
N LEU A 333 28.90 -30.57 -22.90
CA LEU A 333 29.90 -29.69 -23.51
C LEU A 333 31.29 -30.26 -23.33
N VAL A 334 31.59 -30.79 -22.14
CA VAL A 334 32.91 -31.36 -21.89
C VAL A 334 33.11 -32.63 -22.72
N ASP A 335 32.06 -33.44 -22.87
CA ASP A 335 32.17 -34.65 -23.68
C ASP A 335 32.41 -34.31 -25.15
N LEU A 336 31.84 -33.20 -25.63
CA LEU A 336 32.17 -32.73 -26.98
C LEU A 336 33.66 -32.47 -27.13
N ILE A 337 34.27 -31.89 -26.09
CA ILE A 337 35.70 -31.63 -26.13
C ILE A 337 36.50 -32.92 -25.99
N LYS A 338 36.08 -33.80 -25.08
CA LYS A 338 36.79 -35.07 -24.89
C LYS A 338 36.77 -35.91 -26.15
N ASN A 339 35.65 -35.89 -26.89
CA ASN A 339 35.53 -36.64 -28.12
C ASN A 339 36.00 -35.86 -29.34
N LYS A 340 36.70 -34.74 -29.13
CA LYS A 340 37.36 -33.98 -30.19
C LYS A 340 36.38 -33.45 -31.23
N HIS A 341 35.12 -33.25 -30.82
CA HIS A 341 34.19 -32.51 -31.66
C HIS A 341 34.37 -31.01 -31.51
N MET A 342 34.98 -30.56 -30.40
CA MET A 342 35.32 -29.17 -30.20
C MET A 342 36.64 -29.10 -29.44
N ASN A 343 37.27 -27.93 -29.49
CA ASN A 343 38.56 -27.71 -28.85
C ASN A 343 38.36 -26.74 -27.69
N ALA A 344 38.95 -27.07 -26.53
CA ALA A 344 38.78 -26.24 -25.35
C ALA A 344 39.40 -24.85 -25.52
N ASP A 345 40.34 -24.70 -26.45
CA ASP A 345 41.03 -23.43 -26.64
C ASP A 345 40.29 -22.47 -27.57
N THR A 346 39.21 -22.90 -28.22
CA THR A 346 38.54 -22.05 -29.18
C THR A 346 37.93 -20.83 -28.49
N ASP A 347 38.27 -19.65 -28.99
CA ASP A 347 37.71 -18.41 -28.46
C ASP A 347 36.86 -17.71 -29.51
N TYR A 348 36.63 -16.41 -29.34
CA TYR A 348 35.77 -15.68 -30.25
C TYR A 348 36.40 -15.53 -31.63
N SER A 349 37.69 -15.18 -31.68
CA SER A 349 38.34 -14.94 -32.97
C SER A 349 38.53 -16.23 -33.74
N ILE A 350 38.95 -17.30 -33.07
CA ILE A 350 39.15 -18.59 -33.74
C ILE A 350 37.84 -19.08 -34.35
N ALA A 351 36.76 -19.01 -33.58
CA ALA A 351 35.47 -19.50 -34.07
C ALA A 351 34.93 -18.62 -35.19
N GLU A 352 35.03 -17.29 -35.04
CA GLU A 352 34.54 -16.40 -36.09
C GLU A 352 35.31 -16.60 -37.39
N ALA A 353 36.64 -16.69 -37.30
CA ALA A 353 37.43 -16.94 -38.49
C ALA A 353 37.11 -18.30 -39.09
N ALA A 354 36.84 -19.30 -38.25
CA ALA A 354 36.55 -20.64 -38.74
C ALA A 354 35.26 -20.65 -39.57
N PHE A 355 34.21 -20.01 -39.06
CA PHE A 355 32.94 -20.00 -39.78
C PHE A 355 33.01 -19.11 -41.01
N ASN A 356 33.62 -17.92 -40.89
CA ASN A 356 33.69 -17.00 -42.02
C ASN A 356 34.64 -17.49 -43.11
N LYS A 357 35.49 -18.46 -42.82
CA LYS A 357 36.34 -19.08 -43.84
C LYS A 357 35.75 -20.35 -44.42
N GLY A 358 34.56 -20.76 -43.96
CA GLY A 358 33.95 -21.97 -44.45
C GLY A 358 34.53 -23.25 -43.89
N GLU A 359 35.25 -23.18 -42.76
CA GLU A 359 35.88 -24.36 -42.20
C GLU A 359 34.94 -25.16 -41.29
N THR A 360 34.02 -24.48 -40.61
CA THR A 360 33.06 -25.14 -39.74
C THR A 360 31.65 -24.86 -40.23
N ALA A 361 30.76 -25.82 -39.98
CA ALA A 361 29.39 -25.73 -40.50
C ALA A 361 28.51 -24.80 -39.66
N MET A 362 28.77 -24.70 -38.36
CA MET A 362 27.93 -23.91 -37.48
C MET A 362 28.78 -23.08 -36.54
N THR A 363 28.17 -22.01 -36.03
CA THR A 363 28.72 -21.22 -34.94
C THR A 363 27.56 -20.69 -34.12
N ILE A 364 27.89 -20.13 -32.96
CA ILE A 364 26.90 -19.54 -32.06
C ILE A 364 27.33 -18.10 -31.79
N ASN A 365 26.53 -17.15 -32.25
CA ASN A 365 26.89 -15.74 -32.11
C ASN A 365 25.61 -14.90 -32.22
N GLY A 366 25.78 -13.59 -32.06
CA GLY A 366 24.66 -12.68 -32.08
C GLY A 366 24.66 -11.77 -33.28
N PRO A 367 23.68 -10.87 -33.34
CA PRO A 367 23.53 -10.02 -34.55
C PRO A 367 24.70 -9.09 -34.81
N TRP A 368 25.54 -8.82 -33.80
CA TRP A 368 26.73 -8.01 -34.01
C TRP A 368 27.71 -8.66 -34.97
N ALA A 369 27.62 -9.98 -35.15
CA ALA A 369 28.56 -10.71 -35.99
C ALA A 369 28.06 -10.90 -37.42
N TRP A 370 26.82 -10.49 -37.72
CA TRP A 370 26.25 -10.76 -39.04
C TRP A 370 27.00 -10.03 -40.14
N SER A 371 27.36 -8.77 -39.92
CA SER A 371 27.97 -7.98 -40.99
C SER A 371 29.33 -8.54 -41.40
N ASN A 372 30.09 -9.07 -40.44
CA ASN A 372 31.34 -9.73 -40.78
C ASN A 372 31.10 -10.97 -41.63
N ILE A 373 30.00 -11.69 -41.38
CA ILE A 373 29.66 -12.83 -42.23
C ILE A 373 29.14 -12.35 -43.58
N ASP A 374 28.46 -11.21 -43.61
CA ASP A 374 28.04 -10.63 -44.89
C ASP A 374 29.25 -10.34 -45.78
N THR A 375 30.30 -9.76 -45.21
CA THR A 375 31.52 -9.54 -45.96
C THR A 375 32.17 -10.85 -46.40
N SER A 376 32.06 -11.90 -45.60
CA SER A 376 32.66 -13.18 -45.92
C SER A 376 32.03 -13.85 -47.13
N LYS A 377 30.81 -13.44 -47.50
CA LYS A 377 30.01 -14.01 -48.58
C LYS A 377 29.61 -15.45 -48.32
N VAL A 378 29.77 -15.95 -47.09
CA VAL A 378 29.29 -17.28 -46.76
C VAL A 378 27.78 -17.30 -46.80
N ASN A 379 27.21 -18.32 -47.43
CA ASN A 379 25.75 -18.48 -47.54
C ASN A 379 25.24 -19.00 -46.19
N TYR A 380 24.98 -18.07 -45.28
CA TYR A 380 24.68 -18.42 -43.89
C TYR A 380 23.20 -18.22 -43.58
N GLY A 381 22.73 -18.97 -42.59
CA GLY A 381 21.41 -18.78 -42.03
C GLY A 381 21.49 -18.60 -40.53
N VAL A 382 20.38 -18.12 -39.96
CA VAL A 382 20.27 -17.87 -38.52
C VAL A 382 18.98 -18.54 -38.05
N THR A 383 19.09 -19.42 -37.07
CA THR A 383 17.96 -20.24 -36.66
C THR A 383 17.97 -20.46 -35.15
N VAL A 384 16.96 -21.20 -34.68
CA VAL A 384 16.82 -21.48 -33.26
C VAL A 384 17.98 -22.34 -32.78
N LEU A 385 18.45 -22.07 -31.56
CA LEU A 385 19.51 -22.87 -30.96
C LEU A 385 19.05 -24.32 -30.80
N PRO A 386 19.98 -25.27 -30.81
CA PRO A 386 19.59 -26.67 -30.62
C PRO A 386 19.02 -26.91 -29.24
N THR A 387 18.11 -27.88 -29.15
CA THR A 387 17.60 -28.29 -27.86
C THR A 387 18.57 -29.26 -27.19
N PHE A 388 18.44 -29.39 -25.87
CA PHE A 388 19.21 -30.35 -25.11
C PHE A 388 18.28 -31.08 -24.15
N LYS A 389 18.28 -32.41 -24.24
CA LYS A 389 17.37 -33.26 -23.47
C LYS A 389 15.92 -32.83 -23.68
N GLY A 390 15.60 -32.44 -24.92
CA GLY A 390 14.27 -32.01 -25.30
C GLY A 390 13.88 -30.61 -24.85
N GLN A 391 14.80 -29.86 -24.25
CA GLN A 391 14.50 -28.54 -23.72
C GLN A 391 15.31 -27.48 -24.44
N PRO A 392 14.76 -26.27 -24.61
CA PRO A 392 15.45 -25.25 -25.40
C PRO A 392 16.71 -24.75 -24.73
N SER A 393 17.70 -24.43 -25.54
CA SER A 393 18.84 -23.65 -25.06
C SER A 393 18.36 -22.25 -24.69
N LYS A 394 18.86 -21.73 -23.58
CA LYS A 394 18.35 -20.50 -22.98
C LYS A 394 19.43 -19.43 -22.96
N PRO A 395 19.57 -18.66 -24.03
CA PRO A 395 20.53 -17.55 -24.01
C PRO A 395 20.00 -16.37 -23.23
N PHE A 396 20.92 -15.59 -22.66
CA PHE A 396 20.53 -14.37 -21.97
C PHE A 396 20.16 -13.28 -22.96
N VAL A 397 19.18 -12.46 -22.58
CA VAL A 397 18.57 -11.48 -23.46
C VAL A 397 19.01 -10.09 -23.02
N GLY A 398 19.52 -9.31 -23.97
CA GLY A 398 19.83 -7.91 -23.74
C GLY A 398 18.78 -7.03 -24.38
N VAL A 399 18.23 -6.11 -23.59
CA VAL A 399 17.12 -5.26 -24.02
C VAL A 399 17.62 -3.82 -24.05
N LEU A 400 17.85 -3.30 -25.25
CA LEU A 400 18.12 -1.87 -25.41
C LEU A 400 16.93 -1.08 -24.89
N SER A 401 17.19 -0.17 -23.95
CA SER A 401 16.13 0.51 -23.24
C SER A 401 16.43 2.00 -23.14
N ALA A 402 15.37 2.79 -23.00
CA ALA A 402 15.46 4.24 -22.90
C ALA A 402 15.02 4.66 -21.50
N GLY A 403 15.95 5.22 -20.73
CA GLY A 403 15.66 5.68 -19.39
C GLY A 403 15.53 7.20 -19.34
N ILE A 404 14.78 7.69 -18.36
CA ILE A 404 14.56 9.12 -18.17
C ILE A 404 15.34 9.56 -16.94
N ASN A 405 16.15 10.59 -17.11
CA ASN A 405 16.94 11.14 -16.01
C ASN A 405 16.03 11.55 -14.86
N ALA A 406 16.36 11.11 -13.65
CA ALA A 406 15.55 11.48 -12.49
C ALA A 406 15.55 12.98 -12.25
N ALA A 407 16.60 13.68 -12.69
CA ALA A 407 16.69 15.12 -12.52
C ALA A 407 16.09 15.88 -13.70
N SER A 408 15.48 15.19 -14.65
CA SER A 408 14.97 15.86 -15.84
C SER A 408 13.75 16.71 -15.50
N PRO A 409 13.72 17.99 -15.86
CA PRO A 409 12.49 18.78 -15.75
C PRO A 409 11.53 18.57 -16.92
N ASN A 410 11.88 17.72 -17.87
CA ASN A 410 11.07 17.46 -19.05
C ASN A 410 10.59 16.01 -19.09
N LYS A 411 10.19 15.48 -17.94
CA LYS A 411 9.80 14.07 -17.86
C LYS A 411 8.55 13.79 -18.69
N GLU A 412 7.62 14.74 -18.75
CA GLU A 412 6.44 14.55 -19.60
C GLU A 412 6.79 14.70 -21.08
N LEU A 413 7.64 15.65 -21.42
CA LEU A 413 8.13 15.76 -22.79
C LEU A 413 8.85 14.50 -23.22
N ALA A 414 9.74 13.99 -22.35
CA ALA A 414 10.45 12.75 -22.67
C ALA A 414 9.49 11.58 -22.81
N LYS A 415 8.51 11.48 -21.90
CA LYS A 415 7.51 10.43 -22.01
C LYS A 415 6.68 10.57 -23.28
N GLU A 416 6.35 11.82 -23.65
CA GLU A 416 5.60 12.05 -24.88
C GLU A 416 6.40 11.62 -26.10
N PHE A 417 7.71 11.92 -26.11
CA PHE A 417 8.54 11.56 -27.25
C PHE A 417 8.70 10.05 -27.36
N LEU A 418 8.85 9.36 -26.22
CA LEU A 418 9.14 7.93 -26.25
C LEU A 418 7.88 7.11 -26.53
N GLU A 419 6.78 7.43 -25.84
CA GLU A 419 5.59 6.59 -25.94
C GLU A 419 4.88 6.75 -27.27
N ASN A 420 4.77 7.98 -27.77
CA ASN A 420 3.93 8.25 -28.93
C ASN A 420 4.72 8.52 -30.20
N TYR A 421 6.04 8.66 -30.14
CA TYR A 421 6.80 9.05 -31.33
C TYR A 421 7.93 8.08 -31.64
N LEU A 422 8.58 7.53 -30.61
CA LEU A 422 9.62 6.55 -30.86
C LEU A 422 9.07 5.12 -30.87
N LEU A 423 8.37 4.73 -29.81
CA LEU A 423 7.79 3.38 -29.72
C LEU A 423 6.51 3.31 -30.56
N THR A 424 6.69 3.51 -31.86
CA THR A 424 5.65 3.30 -32.85
C THR A 424 6.26 2.57 -34.03
N ASP A 425 5.39 2.04 -34.91
CA ASP A 425 5.87 1.45 -36.15
C ASP A 425 6.71 2.45 -36.93
N GLU A 426 6.25 3.70 -37.02
CA GLU A 426 6.97 4.71 -37.78
C GLU A 426 8.23 5.17 -37.05
N GLY A 427 8.17 5.23 -35.72
CA GLY A 427 9.35 5.69 -34.97
C GLY A 427 10.47 4.68 -35.02
N LEU A 428 10.18 3.41 -34.75
CA LEU A 428 11.23 2.39 -34.76
C LEU A 428 11.79 2.18 -36.16
N GLU A 429 10.96 2.39 -37.20
CA GLU A 429 11.44 2.17 -38.56
C GLU A 429 12.49 3.21 -38.94
N ALA A 430 12.30 4.46 -38.51
CA ALA A 430 13.30 5.49 -38.79
C ALA A 430 14.64 5.14 -38.17
N VAL A 431 14.64 4.62 -36.95
CA VAL A 431 15.88 4.23 -36.30
C VAL A 431 16.46 2.98 -36.97
N ASN A 432 15.61 2.02 -37.31
CA ASN A 432 16.10 0.76 -37.86
C ASN A 432 16.72 0.95 -39.24
N LYS A 433 16.15 1.85 -40.05
CA LYS A 433 16.73 2.16 -41.36
C LYS A 433 18.17 2.66 -41.19
N ASP A 434 18.38 3.58 -40.25
CA ASP A 434 19.71 4.12 -39.99
C ASP A 434 20.68 2.99 -39.65
N LYS A 435 20.45 2.31 -38.53
CA LYS A 435 21.21 1.14 -38.14
C LYS A 435 20.21 0.16 -37.56
N PRO A 436 20.27 -1.12 -37.94
CA PRO A 436 19.22 -2.06 -37.52
C PRO A 436 19.21 -2.29 -36.03
N LEU A 437 18.00 -2.31 -35.47
CA LEU A 437 17.80 -2.60 -34.05
C LEU A 437 17.76 -4.09 -33.77
N GLY A 438 17.75 -4.94 -34.79
CA GLY A 438 17.51 -6.35 -34.58
C GLY A 438 16.04 -6.59 -34.33
N ALA A 439 15.73 -7.40 -33.34
CA ALA A 439 14.35 -7.56 -32.90
C ALA A 439 13.97 -6.39 -31.99
N VAL A 440 12.71 -5.98 -32.08
CA VAL A 440 12.22 -4.84 -31.32
C VAL A 440 11.20 -5.31 -30.30
N ALA A 441 10.97 -4.47 -29.29
CA ALA A 441 10.03 -4.80 -28.22
C ALA A 441 8.59 -4.51 -28.60
N LEU A 442 8.35 -3.64 -29.59
CA LEU A 442 7.00 -3.32 -30.03
C LEU A 442 6.46 -4.45 -30.89
N LYS A 443 5.33 -5.04 -30.46
CA LYS A 443 4.78 -6.19 -31.16
C LYS A 443 4.51 -5.88 -32.63
N SER A 444 3.89 -4.72 -32.89
CA SER A 444 3.44 -4.41 -34.24
C SER A 444 4.59 -4.37 -35.23
N TYR A 445 5.69 -3.70 -34.85
CA TYR A 445 6.82 -3.58 -35.77
C TYR A 445 7.65 -4.85 -35.81
N GLU A 446 7.67 -5.63 -34.73
CA GLU A 446 8.41 -6.89 -34.74
C GLU A 446 7.79 -7.88 -35.71
N GLU A 447 6.46 -7.87 -35.83
CA GLU A 447 5.79 -8.76 -36.78
C GLU A 447 6.22 -8.48 -38.21
N GLU A 448 6.51 -7.21 -38.53
CA GLU A 448 7.03 -6.88 -39.85
C GLU A 448 8.49 -7.27 -39.98
N LEU A 449 9.31 -6.93 -38.97
CA LEU A 449 10.73 -7.28 -39.01
C LEU A 449 10.94 -8.78 -39.03
N ALA A 450 10.05 -9.54 -38.39
CA ALA A 450 10.18 -11.00 -38.33
C ALA A 450 10.03 -11.66 -39.70
N LYS A 451 9.68 -10.90 -40.74
CA LYS A 451 9.76 -11.45 -42.09
C LYS A 451 11.18 -11.82 -42.46
N ASP A 452 12.17 -11.18 -41.83
CA ASP A 452 13.55 -11.63 -41.92
C ASP A 452 13.73 -12.83 -41.01
N PRO A 453 14.06 -14.01 -41.55
CA PRO A 453 14.18 -15.20 -40.69
C PRO A 453 15.28 -15.08 -39.64
N ARG A 454 16.30 -14.26 -39.88
CA ARG A 454 17.34 -14.05 -38.88
C ARG A 454 16.80 -13.24 -37.70
N ILE A 455 16.06 -12.16 -37.99
CA ILE A 455 15.43 -11.38 -36.93
C ILE A 455 14.40 -12.23 -36.19
N ALA A 456 13.65 -13.04 -36.93
CA ALA A 456 12.69 -13.94 -36.30
C ALA A 456 13.41 -14.94 -35.40
N ALA A 457 14.59 -15.40 -35.81
CA ALA A 457 15.34 -16.34 -34.98
C ALA A 457 15.86 -15.68 -33.72
N THR A 458 16.26 -14.41 -33.80
CA THR A 458 16.73 -13.70 -32.62
C THR A 458 15.64 -13.58 -31.57
N MET A 459 14.42 -13.25 -31.99
CA MET A 459 13.32 -13.13 -31.05
C MET A 459 12.92 -14.48 -30.47
N GLU A 460 12.92 -15.53 -31.31
CA GLU A 460 12.56 -16.85 -30.84
C GLU A 460 13.52 -17.35 -29.79
N ASN A 461 14.83 -17.21 -30.04
CA ASN A 461 15.82 -17.57 -29.02
C ASN A 461 15.71 -16.69 -27.78
N ALA A 462 15.32 -15.42 -27.95
CA ALA A 462 15.16 -14.54 -26.80
C ALA A 462 13.95 -14.95 -25.96
N GLN A 463 12.83 -15.28 -26.61
CA GLN A 463 11.65 -15.71 -25.88
C GLN A 463 11.87 -17.05 -25.17
N LYS A 464 12.79 -17.87 -25.67
CA LYS A 464 13.12 -19.13 -25.02
C LYS A 464 14.23 -18.99 -23.99
N GLY A 465 14.91 -17.86 -23.96
CA GLY A 465 15.97 -17.61 -22.99
C GLY A 465 15.48 -16.89 -21.76
N GLU A 466 16.40 -16.21 -21.09
CA GLU A 466 16.11 -15.48 -19.88
C GLU A 466 16.65 -14.06 -20.00
N ILE A 467 15.92 -13.10 -19.44
CA ILE A 467 16.42 -11.73 -19.37
C ILE A 467 17.69 -11.70 -18.56
N MET A 468 18.69 -10.98 -19.06
CA MET A 468 19.92 -10.79 -18.30
C MET A 468 19.60 -10.06 -17.01
N PRO A 469 19.86 -10.65 -15.84
CA PRO A 469 19.50 -9.98 -14.58
C PRO A 469 20.30 -8.71 -14.38
N ASN A 470 19.62 -7.66 -13.91
CA ASN A 470 20.21 -6.34 -13.76
C ASN A 470 20.70 -6.07 -12.34
N ILE A 471 21.02 -7.11 -11.59
CA ILE A 471 21.40 -6.96 -10.18
C ILE A 471 22.93 -7.01 -10.06
N PRO A 472 23.51 -6.44 -9.00
CA PRO A 472 24.98 -6.42 -8.91
C PRO A 472 25.60 -7.81 -8.78
N GLN A 473 24.87 -8.78 -8.25
CA GLN A 473 25.42 -10.12 -8.06
C GLN A 473 25.67 -10.86 -9.36
N MET A 474 25.17 -10.36 -10.50
CA MET A 474 25.40 -11.04 -11.76
C MET A 474 26.88 -11.07 -12.14
N SER A 475 27.64 -10.08 -11.68
CA SER A 475 29.07 -10.06 -11.98
C SER A 475 29.77 -11.26 -11.35
N ALA A 476 29.47 -11.53 -10.08
CA ALA A 476 30.06 -12.69 -9.41
C ALA A 476 29.64 -13.99 -10.07
N PHE A 477 28.41 -14.06 -10.59
CA PHE A 477 27.97 -15.24 -11.33
C PHE A 477 28.86 -15.48 -12.54
N TRP A 478 29.04 -14.45 -13.38
CA TRP A 478 29.84 -14.61 -14.58
C TRP A 478 31.27 -15.01 -14.25
N TYR A 479 31.88 -14.35 -13.28
CA TYR A 479 33.27 -14.62 -12.96
C TYR A 479 33.45 -16.04 -12.41
N ALA A 480 32.49 -16.52 -11.63
CA ALA A 480 32.59 -17.87 -11.09
C ALA A 480 32.29 -18.92 -12.17
N VAL A 481 31.30 -18.67 -13.02
CA VAL A 481 30.96 -19.63 -14.06
C VAL A 481 32.04 -19.68 -15.12
N ARG A 482 32.68 -18.54 -15.42
CA ARG A 482 33.80 -18.54 -16.36
C ARG A 482 34.90 -19.49 -15.90
N THR A 483 35.23 -19.47 -14.60
CA THR A 483 36.24 -20.38 -14.08
C THR A 483 35.77 -21.82 -14.14
N ALA A 484 34.49 -22.07 -13.82
CA ALA A 484 33.99 -23.44 -13.76
C ALA A 484 34.02 -24.10 -15.13
N VAL A 485 33.61 -23.38 -16.18
CA VAL A 485 33.57 -23.97 -17.51
C VAL A 485 35.00 -24.23 -18.01
N ILE A 486 35.90 -23.26 -17.83
CA ILE A 486 37.27 -23.44 -18.28
C ILE A 486 37.93 -24.60 -17.56
N ASN A 487 37.73 -24.70 -16.25
CA ASN A 487 38.32 -25.80 -15.48
C ASN A 487 37.78 -27.15 -15.92
N ALA A 488 36.46 -27.23 -16.12
CA ALA A 488 35.86 -28.49 -16.56
C ALA A 488 36.26 -28.82 -17.99
N ALA A 489 36.29 -27.82 -18.87
CA ALA A 489 36.62 -28.08 -20.27
C ALA A 489 38.08 -28.52 -20.44
N SER A 490 38.98 -27.98 -19.61
CA SER A 490 40.40 -28.28 -19.74
C SER A 490 40.83 -29.49 -18.92
N GLY A 491 39.94 -30.05 -18.10
CA GLY A 491 40.29 -31.18 -17.27
C GLY A 491 40.87 -30.83 -15.91
N ARG A 492 40.94 -29.54 -15.56
CA ARG A 492 41.41 -29.15 -14.24
C ARG A 492 40.55 -29.79 -13.16
N GLN A 493 39.23 -29.71 -13.30
CA GLN A 493 38.29 -30.31 -12.37
C GLN A 493 37.25 -31.10 -13.16
N THR A 494 36.54 -31.97 -12.44
CA THR A 494 35.35 -32.58 -13.02
C THR A 494 34.24 -31.54 -13.11
N VAL A 495 33.17 -31.89 -13.83
CA VAL A 495 32.04 -30.97 -13.97
C VAL A 495 31.39 -30.71 -12.62
N ASP A 496 31.11 -31.78 -11.87
CA ASP A 496 30.51 -31.62 -10.55
C ASP A 496 31.40 -30.81 -9.62
N GLU A 497 32.70 -31.09 -9.65
CA GLU A 497 33.65 -30.34 -8.82
C GLU A 497 33.71 -28.87 -9.24
N ALA A 498 33.74 -28.60 -10.54
CA ALA A 498 33.81 -27.22 -11.01
C ALA A 498 32.56 -26.44 -10.67
N LEU A 499 31.39 -27.04 -10.89
CA LEU A 499 30.14 -26.31 -10.64
C LEU A 499 29.85 -26.18 -9.15
N LYS A 500 30.30 -27.13 -8.34
CA LYS A 500 30.14 -26.99 -6.89
C LYS A 500 30.93 -25.79 -6.38
N ASP A 501 32.16 -25.62 -6.87
CA ASP A 501 32.97 -24.48 -6.45
C ASP A 501 32.36 -23.17 -6.90
N ALA A 502 31.83 -23.11 -8.12
CA ALA A 502 31.20 -21.88 -8.60
C ALA A 502 29.96 -21.55 -7.78
N GLN A 503 29.11 -22.54 -7.52
CA GLN A 503 27.91 -22.33 -6.70
C GLN A 503 28.28 -21.81 -5.32
N THR A 504 29.31 -22.40 -4.69
CA THR A 504 29.72 -21.96 -3.37
C THR A 504 30.26 -20.53 -3.40
N ARG A 505 31.04 -20.20 -4.43
CA ARG A 505 31.64 -18.87 -4.51
C ARG A 505 30.59 -17.80 -4.77
N ILE A 506 29.55 -18.12 -5.54
CA ILE A 506 28.51 -17.14 -5.83
C ILE A 506 27.70 -16.82 -4.58
N THR A 507 27.53 -17.79 -3.68
CA THR A 507 26.63 -17.67 -2.54
C THR A 507 27.35 -17.46 -1.21
N LYS A 508 28.67 -17.38 -1.20
CA LYS A 508 29.41 -17.22 0.05
C LYS A 508 29.08 -15.89 0.73
N LYS B 3 -9.73 20.40 -14.42
CA LYS B 3 -8.53 19.99 -13.70
C LYS B 3 -8.03 21.12 -12.79
N ILE B 4 -7.08 20.78 -11.92
CA ILE B 4 -6.54 21.72 -10.94
C ILE B 4 -5.18 22.20 -11.43
N GLU B 5 -4.95 23.51 -11.34
CA GLU B 5 -3.72 24.10 -11.86
C GLU B 5 -2.53 23.66 -11.02
N GLU B 6 -1.53 23.06 -11.69
CA GLU B 6 -0.31 22.63 -11.03
C GLU B 6 0.61 23.81 -10.80
N GLY B 7 1.41 23.74 -9.74
CA GLY B 7 2.36 24.78 -9.42
C GLY B 7 1.86 25.86 -8.50
N LYS B 8 0.65 25.71 -7.93
CA LYS B 8 0.14 26.68 -6.99
C LYS B 8 -0.90 25.98 -6.12
N LEU B 9 -1.40 26.71 -5.12
CA LEU B 9 -2.35 26.16 -4.15
C LEU B 9 -3.60 27.02 -4.10
N VAL B 10 -4.75 26.39 -4.26
CA VAL B 10 -6.05 27.01 -4.05
C VAL B 10 -6.67 26.40 -2.80
N ILE B 11 -7.04 27.23 -1.84
CA ILE B 11 -7.52 26.79 -0.54
C ILE B 11 -8.94 27.31 -0.34
N TRP B 12 -9.84 26.39 0.03
CA TRP B 12 -11.22 26.74 0.36
C TRP B 12 -11.44 26.60 1.86
N ILE B 13 -11.96 27.66 2.47
CA ILE B 13 -12.31 27.68 3.89
C ILE B 13 -13.59 28.48 4.03
N ASN B 14 -14.38 28.18 5.05
CA ASN B 14 -15.69 28.80 5.18
C ASN B 14 -15.56 30.29 5.49
N GLY B 15 -16.57 31.05 5.06
CA GLY B 15 -16.53 32.50 5.19
C GLY B 15 -16.60 33.00 6.62
N ASP B 16 -16.96 32.13 7.56
CA ASP B 16 -17.02 32.51 8.97
C ASP B 16 -15.70 32.30 9.69
N LYS B 17 -14.68 31.80 9.00
CA LYS B 17 -13.36 31.57 9.58
C LYS B 17 -12.44 32.74 9.26
N GLY B 18 -11.25 32.70 9.86
CA GLY B 18 -10.26 33.73 9.61
C GLY B 18 -9.52 33.53 8.31
N TYR B 19 -10.20 33.72 7.18
CA TYR B 19 -9.59 33.45 5.90
C TYR B 19 -8.57 34.52 5.49
N ASN B 20 -8.70 35.74 6.01
CA ASN B 20 -7.67 36.75 5.75
C ASN B 20 -6.38 36.39 6.46
N GLY B 21 -6.46 35.86 7.69
CA GLY B 21 -5.27 35.42 8.37
C GLY B 21 -4.63 34.22 7.71
N LEU B 22 -5.45 33.30 7.18
CA LEU B 22 -4.91 32.18 6.43
C LEU B 22 -4.24 32.64 5.15
N ALA B 23 -4.75 33.72 4.54
CA ALA B 23 -4.11 34.29 3.36
C ALA B 23 -2.74 34.87 3.69
N GLU B 24 -2.57 35.40 4.90
CA GLU B 24 -1.26 35.88 5.33
C GLU B 24 -0.25 34.73 5.32
N VAL B 25 -0.61 33.59 5.91
CA VAL B 25 0.27 32.43 5.91
C VAL B 25 0.58 32.01 4.48
N GLY B 26 -0.41 32.05 3.60
CA GLY B 26 -0.16 31.77 2.20
C GLY B 26 0.78 32.78 1.57
N LYS B 27 0.70 34.05 2.00
CA LYS B 27 1.63 35.05 1.49
C LYS B 27 3.05 34.81 1.98
N LYS B 28 3.20 34.32 3.22
CA LYS B 28 4.53 33.95 3.71
C LYS B 28 5.05 32.72 2.96
N PHE B 29 4.18 31.75 2.71
CA PHE B 29 4.58 30.59 1.91
C PHE B 29 4.96 31.01 0.49
N GLU B 30 4.21 31.95 -0.08
CA GLU B 30 4.49 32.43 -1.42
C GLU B 30 5.84 33.14 -1.49
N LYS B 31 6.12 34.00 -0.51
CA LYS B 31 7.39 34.72 -0.48
C LYS B 31 8.57 33.78 -0.30
N ASP B 32 8.37 32.66 0.41
CA ASP B 32 9.46 31.73 0.68
C ASP B 32 9.71 30.77 -0.48
N THR B 33 8.67 30.44 -1.26
CA THR B 33 8.78 29.41 -2.28
C THR B 33 8.44 29.88 -3.69
N GLY B 34 7.93 31.10 -3.85
CA GLY B 34 7.47 31.53 -5.15
C GLY B 34 6.21 30.86 -5.65
N ILE B 35 5.52 30.14 -4.77
CA ILE B 35 4.31 29.40 -5.14
C ILE B 35 3.10 30.22 -4.69
N LYS B 36 2.25 30.58 -5.65
CA LYS B 36 1.06 31.36 -5.34
C LYS B 36 0.10 30.55 -4.46
N VAL B 37 -0.50 31.22 -3.48
CA VAL B 37 -1.49 30.62 -2.60
C VAL B 37 -2.75 31.50 -2.66
N THR B 38 -3.88 30.90 -3.02
CA THR B 38 -5.14 31.61 -3.17
C THR B 38 -6.14 31.05 -2.17
N VAL B 39 -6.60 31.89 -1.24
CA VAL B 39 -7.61 31.52 -0.27
C VAL B 39 -8.96 32.03 -0.76
N GLU B 40 -9.94 31.14 -0.80
CA GLU B 40 -11.30 31.48 -1.22
C GLU B 40 -12.29 30.94 -0.20
N HIS B 41 -13.41 31.63 -0.07
CA HIS B 41 -14.51 31.20 0.80
C HIS B 41 -15.80 31.16 -0.02
N PRO B 42 -15.96 30.15 -0.87
CA PRO B 42 -17.14 30.09 -1.73
C PRO B 42 -18.41 29.87 -0.94
N ASP B 43 -19.51 30.43 -1.45
CA ASP B 43 -20.80 30.27 -0.82
C ASP B 43 -21.24 28.81 -0.86
N LYS B 44 -21.84 28.35 0.24
CA LYS B 44 -22.23 26.95 0.41
C LYS B 44 -21.04 26.03 0.09
N LEU B 45 -20.03 26.13 0.96
CA LEU B 45 -18.75 25.47 0.70
C LEU B 45 -18.86 23.97 0.85
N GLU B 46 -19.55 23.48 1.88
CA GLU B 46 -19.55 22.06 2.16
C GLU B 46 -20.34 21.26 1.14
N GLU B 47 -21.21 21.90 0.37
CA GLU B 47 -21.89 21.23 -0.73
C GLU B 47 -21.22 21.45 -2.07
N LYS B 48 -20.49 22.55 -2.22
CA LYS B 48 -19.80 22.82 -3.48
C LYS B 48 -18.61 21.89 -3.67
N PHE B 49 -17.86 21.62 -2.59
CA PHE B 49 -16.67 20.79 -2.73
C PHE B 49 -16.97 19.38 -3.22
N PRO B 50 -17.89 18.61 -2.63
CA PRO B 50 -18.16 17.28 -3.18
C PRO B 50 -18.68 17.30 -4.60
N GLN B 51 -19.35 18.39 -5.00
CA GLN B 51 -19.82 18.49 -6.37
C GLN B 51 -18.66 18.64 -7.35
N VAL B 52 -17.75 19.57 -7.07
CA VAL B 52 -16.65 19.82 -8.00
C VAL B 52 -15.57 18.75 -7.88
N ALA B 53 -15.28 18.30 -6.66
CA ALA B 53 -14.25 17.28 -6.48
C ALA B 53 -14.67 15.92 -7.04
N ALA B 54 -15.98 15.69 -7.21
CA ALA B 54 -16.42 14.47 -7.88
C ALA B 54 -16.06 14.46 -9.35
N THR B 55 -15.85 15.63 -9.96
CA THR B 55 -15.45 15.74 -11.35
C THR B 55 -13.95 15.93 -11.52
N GLY B 56 -13.18 15.94 -10.43
CA GLY B 56 -11.75 16.16 -10.49
C GLY B 56 -11.31 17.60 -10.36
N ASP B 57 -12.25 18.52 -10.13
CA ASP B 57 -11.95 19.94 -10.01
C ASP B 57 -11.91 20.34 -8.54
N GLY B 58 -11.99 21.63 -8.25
CA GLY B 58 -12.03 22.11 -6.89
C GLY B 58 -10.69 22.59 -6.39
N PRO B 59 -10.61 22.88 -5.09
CA PRO B 59 -9.39 23.41 -4.51
C PRO B 59 -8.39 22.30 -4.22
N ASP B 60 -7.16 22.72 -3.92
CA ASP B 60 -6.16 21.76 -3.44
C ASP B 60 -6.41 21.36 -1.99
N ILE B 61 -6.84 22.32 -1.16
CA ILE B 61 -7.07 22.10 0.25
C ILE B 61 -8.48 22.58 0.60
N ILE B 62 -9.17 21.82 1.45
CA ILE B 62 -10.51 22.17 1.92
C ILE B 62 -10.51 22.16 3.44
N PHE B 63 -11.01 23.24 4.04
CA PHE B 63 -11.15 23.35 5.48
C PHE B 63 -12.61 23.16 5.86
N TRP B 64 -12.87 22.24 6.79
CA TRP B 64 -14.22 22.05 7.32
C TRP B 64 -14.12 21.19 8.58
N ALA B 65 -15.23 21.14 9.32
CA ALA B 65 -15.32 20.25 10.47
C ALA B 65 -15.12 18.81 10.04
N HIS B 66 -14.53 18.01 10.93
CA HIS B 66 -14.11 16.66 10.59
C HIS B 66 -15.28 15.77 10.20
N ASP B 67 -16.49 16.08 10.67
CA ASP B 67 -17.62 15.15 10.49
C ASP B 67 -18.01 15.05 9.02
N ARG B 68 -17.96 16.16 8.28
CA ARG B 68 -18.29 16.10 6.87
C ARG B 68 -17.21 15.40 6.06
N PHE B 69 -16.00 15.24 6.62
CA PHE B 69 -14.93 14.58 5.89
C PHE B 69 -15.13 13.07 5.82
N GLY B 70 -15.97 12.50 6.68
CA GLY B 70 -16.30 11.10 6.54
C GLY B 70 -17.03 10.81 5.25
N GLY B 71 -17.99 11.67 4.89
CA GLY B 71 -18.66 11.51 3.62
C GLY B 71 -17.76 11.80 2.44
N TYR B 72 -16.90 12.83 2.56
CA TYR B 72 -15.95 13.12 1.51
C TYR B 72 -15.02 11.94 1.26
N ALA B 73 -14.47 11.37 2.33
CA ALA B 73 -13.58 10.22 2.19
C ALA B 73 -14.31 9.00 1.64
N GLN B 74 -15.58 8.84 1.97
CA GLN B 74 -16.35 7.71 1.44
C GLN B 74 -16.47 7.78 -0.07
N SER B 75 -16.56 8.99 -0.64
CA SER B 75 -16.59 9.17 -2.08
C SER B 75 -15.20 9.23 -2.70
N GLY B 76 -14.15 9.12 -1.90
CA GLY B 76 -12.79 9.17 -2.43
C GLY B 76 -12.32 10.54 -2.85
N LEU B 77 -12.89 11.59 -2.25
CA LEU B 77 -12.54 12.96 -2.61
C LEU B 77 -11.30 13.48 -1.89
N LEU B 78 -10.82 12.77 -0.87
CA LEU B 78 -9.72 13.24 -0.05
C LEU B 78 -8.52 12.31 -0.18
N ALA B 79 -7.34 12.91 -0.29
CA ALA B 79 -6.11 12.14 -0.32
C ALA B 79 -5.75 11.67 1.08
N GLU B 80 -5.23 10.45 1.18
CA GLU B 80 -4.66 9.98 2.44
C GLU B 80 -3.40 10.77 2.73
N ILE B 81 -3.41 11.56 3.79
CA ILE B 81 -2.27 12.41 4.11
C ILE B 81 -1.14 11.55 4.68
N THR B 82 0.09 12.03 4.52
CA THR B 82 1.29 11.25 4.83
C THR B 82 2.19 12.00 5.79
N PRO B 83 1.76 12.21 7.04
CA PRO B 83 2.68 12.76 8.04
C PRO B 83 3.46 11.65 8.73
N ASP B 84 4.76 11.88 8.89
CA ASP B 84 5.58 10.93 9.62
C ASP B 84 5.22 10.95 11.10
N LYS B 85 5.80 10.00 11.84
CA LYS B 85 5.55 9.95 13.29
C LYS B 85 6.00 11.24 13.97
N ALA B 86 7.01 11.90 13.43
CA ALA B 86 7.52 13.13 14.04
C ALA B 86 6.46 14.21 14.07
N PHE B 87 5.82 14.46 12.92
CA PHE B 87 4.80 15.50 12.86
C PHE B 87 3.53 15.10 13.59
N GLN B 88 3.17 13.81 13.56
CA GLN B 88 1.97 13.36 14.26
C GLN B 88 2.07 13.63 15.76
N ASP B 89 3.28 13.61 16.32
CA ASP B 89 3.46 13.86 17.74
C ASP B 89 3.20 15.31 18.11
N LYS B 90 3.19 16.22 17.12
CA LYS B 90 2.97 17.63 17.39
C LYS B 90 1.51 17.94 17.74
N LEU B 91 0.59 17.02 17.45
CA LEU B 91 -0.83 17.24 17.65
C LEU B 91 -1.38 16.26 18.67
N TYR B 92 -2.53 16.61 19.25
CA TYR B 92 -3.15 15.76 20.26
C TYR B 92 -3.69 14.49 19.60
N PRO B 93 -3.60 13.35 20.27
CA PRO B 93 -4.02 12.09 19.64
C PRO B 93 -5.50 12.05 19.32
N PHE B 94 -6.34 12.69 20.13
CA PHE B 94 -7.77 12.63 19.90
C PHE B 94 -8.19 13.44 18.68
N THR B 95 -7.41 14.46 18.30
CA THR B 95 -7.72 15.18 17.07
C THR B 95 -7.35 14.36 15.84
N TRP B 96 -6.29 13.55 15.91
CA TRP B 96 -6.00 12.62 14.83
C TRP B 96 -7.11 11.59 14.69
N ASP B 97 -7.69 11.15 15.81
CA ASP B 97 -8.79 10.20 15.74
C ASP B 97 -9.98 10.77 14.98
N ALA B 98 -10.23 12.07 15.12
CA ALA B 98 -11.38 12.70 14.47
C ALA B 98 -11.22 12.78 12.96
N VAL B 99 -9.99 12.65 12.44
CA VAL B 99 -9.76 12.69 11.00
C VAL B 99 -9.38 11.31 10.50
N ARG B 100 -9.88 10.27 11.16
CA ARG B 100 -9.68 8.90 10.74
C ARG B 100 -10.89 8.39 9.99
N TYR B 101 -10.63 7.71 8.87
CA TYR B 101 -11.68 7.04 8.12
C TYR B 101 -11.12 5.72 7.60
N ASN B 102 -11.68 4.60 8.08
CA ASN B 102 -11.14 3.27 7.83
C ASN B 102 -9.69 3.18 8.26
N GLY B 103 -9.38 3.78 9.41
CA GLY B 103 -8.03 3.80 9.93
C GLY B 103 -7.03 4.59 9.12
N LYS B 104 -7.49 5.36 8.15
CA LYS B 104 -6.61 6.16 7.30
C LYS B 104 -6.83 7.63 7.60
N LEU B 105 -5.73 8.36 7.82
CA LEU B 105 -5.80 9.79 8.04
C LEU B 105 -6.17 10.49 6.74
N ILE B 106 -7.22 11.32 6.79
CA ILE B 106 -7.73 11.98 5.59
C ILE B 106 -7.74 13.50 5.73
N ALA B 107 -7.13 14.04 6.78
CA ALA B 107 -7.08 15.48 6.97
C ALA B 107 -6.12 15.81 8.10
N TYR B 108 -5.65 17.05 8.10
CA TYR B 108 -4.87 17.59 9.21
C TYR B 108 -5.79 18.29 10.19
N PRO B 109 -5.82 17.91 11.46
CA PRO B 109 -6.62 18.64 12.44
C PRO B 109 -6.04 20.02 12.69
N ILE B 110 -6.93 21.02 12.79
CA ILE B 110 -6.50 22.40 12.98
C ILE B 110 -6.99 22.93 14.32
N ALA B 111 -8.31 22.96 14.51
CA ALA B 111 -8.91 23.58 15.68
C ALA B 111 -9.84 22.60 16.38
N VAL B 112 -10.15 22.92 17.65
CA VAL B 112 -11.04 22.13 18.49
C VAL B 112 -12.12 23.05 19.02
N GLU B 113 -13.38 22.65 18.86
CA GLU B 113 -14.53 23.51 19.15
C GLU B 113 -15.56 22.73 19.96
N ALA B 114 -16.04 23.34 21.05
CA ALA B 114 -17.05 22.72 21.88
C ALA B 114 -17.80 23.80 22.65
N LEU B 115 -19.01 23.46 23.08
CA LEU B 115 -19.81 24.38 23.89
C LEU B 115 -19.19 24.54 25.27
N SER B 116 -19.47 25.69 25.89
CA SER B 116 -19.02 25.96 27.25
C SER B 116 -20.10 26.75 27.98
N LEU B 117 -19.98 26.77 29.30
CA LEU B 117 -20.90 27.55 30.14
C LEU B 117 -20.39 28.98 30.21
N ILE B 118 -21.16 29.91 29.65
CA ILE B 118 -20.83 31.33 29.67
C ILE B 118 -21.70 31.98 30.74
N TYR B 119 -21.08 32.75 31.63
CA TYR B 119 -21.77 33.33 32.76
C TYR B 119 -21.43 34.80 32.92
N ASN B 120 -22.39 35.56 33.43
CA ASN B 120 -22.22 36.99 33.71
C ASN B 120 -21.58 37.14 35.08
N LYS B 121 -20.35 37.67 35.11
CA LYS B 121 -19.63 37.80 36.37
C LYS B 121 -20.30 38.79 37.32
N ASP B 122 -20.92 39.84 36.78
CA ASP B 122 -21.58 40.83 37.63
C ASP B 122 -22.83 40.24 38.27
N LEU B 123 -23.61 39.47 37.51
CA LEU B 123 -24.82 38.86 38.04
C LEU B 123 -24.51 37.60 38.84
N LEU B 124 -23.44 36.90 38.50
CA LEU B 124 -23.16 35.58 39.06
C LEU B 124 -21.65 35.38 39.13
N PRO B 125 -21.02 35.82 40.22
CA PRO B 125 -19.55 35.71 40.30
C PRO B 125 -19.05 34.29 40.49
N ASN B 126 -19.88 33.39 41.00
CA ASN B 126 -19.50 31.98 41.17
C ASN B 126 -20.56 31.12 40.51
N PRO B 127 -20.38 30.78 39.23
CA PRO B 127 -21.42 30.04 38.51
C PRO B 127 -21.57 28.64 39.08
N PRO B 128 -22.75 28.04 38.93
CA PRO B 128 -22.97 26.71 39.54
C PRO B 128 -22.13 25.63 38.86
N LYS B 129 -21.67 24.68 39.68
CA LYS B 129 -20.91 23.54 39.18
C LYS B 129 -21.80 22.40 38.72
N THR B 130 -23.07 22.37 39.13
CA THR B 130 -23.97 21.29 38.78
C THR B 130 -25.25 21.85 38.16
N TRP B 131 -25.90 21.01 37.35
CA TRP B 131 -27.22 21.37 36.82
C TRP B 131 -28.27 21.42 37.94
N GLU B 132 -28.07 20.67 39.02
CA GLU B 132 -29.10 20.50 40.03
C GLU B 132 -29.35 21.78 40.84
N GLU B 133 -28.41 22.71 40.87
CA GLU B 133 -28.55 23.94 41.64
C GLU B 133 -29.06 25.10 40.81
N ILE B 134 -29.48 24.86 39.56
CA ILE B 134 -30.01 25.90 38.69
C ILE B 134 -31.39 26.36 39.16
N PRO B 135 -32.33 25.47 39.50
CA PRO B 135 -33.66 25.95 39.94
C PRO B 135 -33.60 26.89 41.15
N ALA B 136 -32.83 26.52 42.17
CA ALA B 136 -32.66 27.42 43.32
C ALA B 136 -31.97 28.71 42.91
N LEU B 137 -30.96 28.61 42.04
CA LEU B 137 -30.30 29.80 41.54
C LEU B 137 -31.25 30.64 40.71
N ASP B 138 -32.14 30.01 39.95
CA ASP B 138 -33.13 30.75 39.17
C ASP B 138 -34.09 31.49 40.09
N LYS B 139 -34.60 30.79 41.11
CA LYS B 139 -35.56 31.40 42.04
C LYS B 139 -34.94 32.58 42.78
N GLU B 140 -33.64 32.53 43.08
CA GLU B 140 -32.97 33.69 43.65
C GLU B 140 -32.96 34.85 42.67
N LEU B 141 -32.51 34.59 41.44
CA LEU B 141 -32.43 35.65 40.44
C LEU B 141 -33.81 36.08 39.96
N LYS B 142 -34.78 35.15 39.96
CA LYS B 142 -36.14 35.52 39.55
C LYS B 142 -36.72 36.60 40.46
N ALA B 143 -36.36 36.58 41.75
CA ALA B 143 -36.86 37.59 42.66
C ALA B 143 -36.35 38.99 42.32
N LYS B 144 -35.22 39.10 41.62
CA LYS B 144 -34.68 40.38 41.21
C LYS B 144 -34.83 40.63 39.71
N GLY B 145 -35.78 39.95 39.06
CA GLY B 145 -36.03 40.19 37.66
C GLY B 145 -34.99 39.64 36.70
N LYS B 146 -34.31 38.57 37.09
CA LYS B 146 -33.33 37.92 36.25
C LYS B 146 -33.62 36.42 36.19
N SER B 147 -33.01 35.76 35.21
CA SER B 147 -33.09 34.32 35.10
C SER B 147 -31.69 33.72 35.21
N ALA B 148 -31.64 32.46 35.62
CA ALA B 148 -30.35 31.81 35.82
C ALA B 148 -29.69 31.47 34.49
N LEU B 149 -30.44 30.89 33.56
CA LEU B 149 -29.85 30.34 32.35
C LEU B 149 -30.82 30.45 31.18
N MET B 150 -30.31 30.85 30.03
CA MET B 150 -31.07 30.84 28.78
C MET B 150 -30.14 30.38 27.67
N PHE B 151 -30.46 29.26 27.03
CA PHE B 151 -29.71 28.76 25.90
C PHE B 151 -30.65 28.10 24.91
N ASN B 152 -30.16 27.90 23.69
CA ASN B 152 -30.98 27.43 22.59
C ASN B 152 -31.55 26.04 22.88
N LEU B 153 -32.88 25.95 22.97
CA LEU B 153 -33.56 24.68 23.18
C LEU B 153 -34.08 24.05 21.89
N GLN B 154 -33.96 24.73 20.76
CA GLN B 154 -34.50 24.22 19.51
C GLN B 154 -33.55 23.27 18.79
N GLU B 155 -32.24 23.39 19.01
CA GLU B 155 -31.28 22.56 18.31
C GLU B 155 -30.65 21.55 19.25
N PRO B 156 -30.62 20.26 18.88
CA PRO B 156 -30.07 19.24 19.77
C PRO B 156 -28.60 19.42 20.06
N TYR B 157 -27.86 20.15 19.22
CA TYR B 157 -26.45 20.41 19.49
C TYR B 157 -26.25 21.08 20.85
N PHE B 158 -27.22 21.89 21.28
CA PHE B 158 -27.08 22.63 22.53
C PHE B 158 -27.63 21.88 23.73
N THR B 159 -28.66 21.04 23.54
CA THR B 159 -29.25 20.30 24.64
C THR B 159 -28.61 18.93 24.87
N TRP B 160 -27.88 18.41 23.88
CA TRP B 160 -27.27 17.09 24.04
C TRP B 160 -26.22 17.00 25.14
N PRO B 161 -25.42 18.04 25.46
CA PRO B 161 -24.50 17.91 26.59
C PRO B 161 -25.17 17.46 27.89
N LEU B 162 -26.38 17.95 28.16
CA LEU B 162 -27.09 17.53 29.35
C LEU B 162 -27.67 16.13 29.19
N ILE B 163 -28.15 15.79 28.00
CA ILE B 163 -28.78 14.49 27.77
C ILE B 163 -27.74 13.38 27.87
N ALA B 164 -26.52 13.64 27.41
CA ALA B 164 -25.48 12.62 27.37
C ALA B 164 -24.76 12.43 28.70
N ALA B 165 -24.96 13.34 29.66
CA ALA B 165 -24.15 13.33 30.88
C ALA B 165 -24.31 12.04 31.66
N ASP B 166 -25.54 11.54 31.79
CA ASP B 166 -25.81 10.36 32.62
C ASP B 166 -25.71 9.06 31.84
N GLY B 167 -25.47 9.10 30.53
CA GLY B 167 -25.31 7.88 29.78
C GLY B 167 -25.83 7.92 28.35
N GLY B 168 -26.36 9.05 27.94
CA GLY B 168 -26.82 9.18 26.57
C GLY B 168 -25.66 9.28 25.59
N TYR B 169 -25.89 8.79 24.38
CA TYR B 169 -24.87 8.84 23.33
C TYR B 169 -25.53 8.62 21.99
N ALA B 170 -24.84 9.04 20.94
CA ALA B 170 -25.35 8.85 19.57
C ALA B 170 -25.08 7.43 19.10
N PHE B 171 -23.82 7.13 18.78
CA PHE B 171 -23.42 5.81 18.33
C PHE B 171 -22.22 5.36 19.14
N LYS B 172 -22.34 4.20 19.79
CA LYS B 172 -21.27 3.70 20.64
C LYS B 172 -20.06 3.31 19.80
N TYR B 173 -18.90 3.82 20.16
CA TYR B 173 -17.66 3.59 19.42
C TYR B 173 -16.92 2.43 20.07
N ALA B 174 -16.98 1.26 19.43
CA ALA B 174 -16.26 0.09 19.91
C ALA B 174 -14.79 0.23 19.57
N GLU B 175 -13.93 0.21 20.58
CA GLU B 175 -12.52 0.51 20.39
C GLU B 175 -11.62 -0.72 20.44
N ASP B 176 -12.01 -1.76 21.18
CA ASP B 176 -11.22 -2.98 21.31
C ASP B 176 -9.79 -2.66 21.74
N SER B 177 -9.66 -1.71 22.67
CA SER B 177 -8.34 -1.28 23.12
C SER B 177 -7.58 -2.38 23.84
N SER B 178 -8.26 -3.43 24.29
CA SER B 178 -7.62 -4.60 24.89
C SER B 178 -7.24 -5.65 23.84
N GLU B 179 -7.46 -5.36 22.55
CA GLU B 179 -7.09 -6.26 21.46
C GLU B 179 -7.76 -7.63 21.61
N MET B 180 -9.08 -7.61 21.81
CA MET B 180 -9.81 -8.86 22.01
C MET B 180 -9.97 -9.62 20.69
N TYR B 181 -10.19 -8.91 19.59
CA TYR B 181 -10.31 -9.59 18.30
C TYR B 181 -9.03 -10.33 17.94
N LYS B 182 -7.87 -9.70 18.19
CA LYS B 182 -6.60 -10.32 17.85
C LYS B 182 -6.31 -11.51 18.78
N ARG B 183 -6.66 -11.40 20.06
CA ARG B 183 -6.34 -12.45 21.01
C ARG B 183 -7.28 -13.65 20.86
N VAL B 184 -8.59 -13.39 20.76
CA VAL B 184 -9.54 -14.49 20.60
C VAL B 184 -9.31 -15.23 19.29
N ASN B 185 -8.81 -14.52 18.26
CA ASN B 185 -8.54 -15.17 16.99
C ASN B 185 -7.53 -16.30 17.11
N LYS B 186 -6.57 -16.18 18.03
CA LYS B 186 -5.57 -17.23 18.22
C LYS B 186 -6.17 -18.53 18.72
N ILE B 187 -7.38 -18.50 19.27
CA ILE B 187 -7.98 -19.70 19.84
C ILE B 187 -8.57 -20.61 18.75
N ILE B 188 -9.09 -20.02 17.68
CA ILE B 188 -9.81 -20.82 16.68
C ILE B 188 -8.95 -21.90 16.04
N PRO B 189 -7.70 -21.66 15.65
CA PRO B 189 -6.91 -22.73 15.02
C PRO B 189 -6.73 -23.98 15.89
N HIS B 190 -6.97 -23.89 17.21
CA HIS B 190 -6.91 -25.08 18.04
C HIS B 190 -8.08 -26.01 17.80
N LEU B 191 -9.17 -25.52 17.21
CA LEU B 191 -10.43 -26.26 17.14
C LEU B 191 -10.44 -27.20 15.94
N ILE B 192 -10.91 -28.42 16.18
CA ILE B 192 -10.98 -29.46 15.16
C ILE B 192 -12.42 -29.58 14.69
N ARG B 193 -12.63 -29.46 13.38
CA ARG B 193 -13.96 -29.56 12.81
C ARG B 193 -14.40 -31.01 12.75
N GLN B 194 -15.69 -31.24 12.97
CA GLN B 194 -16.29 -32.55 12.75
C GLN B 194 -17.44 -32.41 11.76
N GLU B 195 -17.88 -33.56 11.22
CA GLU B 195 -18.75 -33.55 10.05
C GLU B 195 -20.07 -32.83 10.32
N LYS B 196 -20.69 -33.10 11.47
CA LYS B 196 -21.99 -32.53 11.79
C LYS B 196 -22.15 -32.49 13.30
N GLU B 197 -23.31 -31.99 13.74
CA GLU B 197 -23.57 -31.85 15.17
C GLU B 197 -23.71 -33.21 15.84
N ASP B 198 -23.40 -33.23 17.14
CA ASP B 198 -23.64 -34.42 17.94
C ASP B 198 -25.14 -34.62 18.14
N SER B 199 -25.59 -35.86 18.00
CA SER B 199 -26.99 -36.19 18.14
C SER B 199 -27.09 -37.65 18.57
N GLU B 200 -28.32 -38.17 18.57
CA GLU B 200 -28.50 -39.60 18.81
C GLU B 200 -27.97 -40.43 17.65
N THR B 201 -27.95 -39.86 16.44
CA THR B 201 -27.41 -40.56 15.29
C THR B 201 -25.89 -40.49 15.22
N PHE B 202 -25.29 -39.39 15.68
CA PHE B 202 -23.89 -39.12 15.42
C PHE B 202 -23.19 -38.62 16.68
N GLN B 203 -21.96 -39.09 16.88
CA GLN B 203 -21.09 -38.61 17.95
C GLN B 203 -19.70 -38.40 17.37
N GLY B 204 -19.22 -37.16 17.38
CA GLY B 204 -17.95 -36.83 16.80
C GLY B 204 -16.85 -36.71 17.83
N GLU B 205 -15.63 -36.45 17.32
CA GLU B 205 -14.46 -36.21 18.15
C GLU B 205 -13.96 -34.78 18.01
N GLY B 206 -14.70 -33.91 17.32
CA GLY B 206 -14.26 -32.57 17.03
C GLY B 206 -14.76 -31.55 18.04
N HIS B 207 -14.48 -30.28 17.74
CA HIS B 207 -14.83 -29.17 18.62
C HIS B 207 -15.95 -28.30 18.08
N PHE B 208 -16.26 -28.39 16.79
CA PHE B 208 -17.35 -27.63 16.21
C PHE B 208 -17.76 -28.29 14.91
N SER B 209 -18.97 -27.95 14.46
CA SER B 209 -19.47 -28.40 13.17
C SER B 209 -20.04 -27.20 12.42
N VAL B 210 -20.19 -27.34 11.11
CA VAL B 210 -20.66 -26.28 10.23
C VAL B 210 -21.94 -26.74 9.57
N ASP B 211 -23.03 -26.06 9.84
CA ASP B 211 -24.28 -26.22 9.10
C ASP B 211 -24.23 -25.31 7.89
N GLU B 212 -24.03 -25.89 6.71
CA GLU B 212 -23.91 -25.07 5.50
C GLU B 212 -25.24 -24.49 5.07
N LYS B 213 -26.34 -25.21 5.33
CA LYS B 213 -27.66 -24.68 4.99
C LYS B 213 -27.95 -23.41 5.77
N SER B 214 -27.97 -23.50 7.09
CA SER B 214 -28.20 -22.32 7.93
C SER B 214 -26.99 -21.40 7.98
N ARG B 215 -25.85 -21.80 7.41
CA ARG B 215 -24.61 -21.03 7.43
C ARG B 215 -24.26 -20.60 8.85
N GLN B 216 -24.31 -21.56 9.77
CA GLN B 216 -24.00 -21.34 11.17
C GLN B 216 -22.92 -22.31 11.62
N VAL B 217 -22.28 -21.97 12.73
CA VAL B 217 -21.29 -22.83 13.37
C VAL B 217 -21.82 -23.23 14.74
N ASN B 218 -21.64 -24.49 15.09
CA ASN B 218 -22.14 -25.04 16.35
C ASN B 218 -21.00 -25.69 17.09
N LEU B 219 -20.71 -25.21 18.29
CA LEU B 219 -19.70 -25.84 19.13
C LEU B 219 -20.18 -27.20 19.61
N THR B 220 -19.24 -28.09 19.85
CA THR B 220 -19.53 -29.31 20.58
C THR B 220 -19.25 -29.07 22.06
N GLU B 221 -19.77 -29.97 22.90
CA GLU B 221 -19.45 -29.90 24.33
C GLU B 221 -17.93 -29.93 24.54
N ARG B 222 -17.23 -30.72 23.72
CA ARG B 222 -15.77 -30.73 23.79
C ARG B 222 -15.18 -29.40 23.37
N GLY B 223 -15.75 -28.79 22.33
CA GLY B 223 -15.24 -27.51 21.87
C GLY B 223 -15.44 -26.40 22.88
N LEU B 224 -16.59 -26.38 23.54
CA LEU B 224 -16.84 -25.39 24.58
C LEU B 224 -15.84 -25.54 25.72
N VAL B 225 -15.56 -26.77 26.14
CA VAL B 225 -14.58 -27.02 27.20
C VAL B 225 -13.21 -26.50 26.78
N LEU B 226 -12.80 -26.78 25.54
CA LEU B 226 -11.48 -26.35 25.08
C LEU B 226 -11.38 -24.83 24.97
N ILE B 227 -12.45 -24.19 24.49
CA ILE B 227 -12.43 -22.74 24.34
C ILE B 227 -12.34 -22.06 25.69
N GLU B 228 -13.12 -22.51 26.67
CA GLU B 228 -13.04 -21.93 28.00
C GLU B 228 -11.67 -22.16 28.63
N GLU B 229 -11.08 -23.33 28.38
CA GLU B 229 -9.72 -23.59 28.87
C GLU B 229 -8.73 -22.62 28.24
N LEU B 230 -8.82 -22.42 26.92
CA LEU B 230 -7.90 -21.51 26.25
C LEU B 230 -8.17 -20.06 26.63
N LEU B 231 -9.45 -19.68 26.78
CA LEU B 231 -9.78 -18.33 27.24
C LEU B 231 -9.18 -18.07 28.61
N VAL B 232 -9.20 -19.07 29.50
CA VAL B 232 -8.67 -18.88 30.85
C VAL B 232 -7.15 -18.81 30.82
N LYS B 233 -6.51 -19.67 30.03
CA LYS B 233 -5.05 -19.68 29.95
C LYS B 233 -4.51 -18.32 29.51
N GLU B 234 -5.13 -17.70 28.52
CA GLU B 234 -4.70 -16.42 28.01
C GLU B 234 -5.21 -15.24 28.83
N GLY B 235 -5.72 -15.48 30.02
CA GLY B 235 -6.17 -14.42 30.90
C GLY B 235 -7.39 -13.66 30.46
N ILE B 236 -8.06 -14.12 29.39
CA ILE B 236 -9.24 -13.41 28.91
C ILE B 236 -10.43 -13.64 29.82
N MET B 237 -10.52 -14.82 30.42
CA MET B 237 -11.63 -15.17 31.29
C MET B 237 -11.09 -15.71 32.61
N ASP B 238 -11.85 -15.48 33.68
CA ASP B 238 -11.47 -16.00 34.98
C ASP B 238 -11.73 -17.51 35.03
N GLU B 239 -11.07 -18.16 36.00
CA GLU B 239 -10.85 -19.60 35.92
C GLU B 239 -12.14 -20.40 35.98
N GLY B 240 -13.08 -19.98 36.82
CA GLY B 240 -14.33 -20.69 36.99
C GLY B 240 -15.52 -20.13 36.25
N GLU B 241 -15.32 -19.15 35.38
CA GLU B 241 -16.45 -18.51 34.70
C GLU B 241 -17.03 -19.41 33.62
N SER B 242 -18.30 -19.16 33.32
CA SER B 242 -18.96 -19.74 32.16
C SER B 242 -18.94 -18.74 31.01
N LEU B 243 -18.69 -19.24 29.80
CA LEU B 243 -18.74 -18.37 28.62
C LEU B 243 -20.16 -17.87 28.35
N TYR B 244 -21.17 -18.51 28.93
CA TYR B 244 -22.55 -18.12 28.74
C TYR B 244 -23.07 -17.20 29.83
N SER B 245 -22.25 -16.84 30.82
CA SER B 245 -22.71 -15.94 31.87
C SER B 245 -22.97 -14.55 31.30
N PRO B 246 -23.90 -13.80 31.89
CA PRO B 246 -24.17 -12.45 31.39
C PRO B 246 -22.96 -11.53 31.45
N ALA B 247 -22.02 -11.78 32.37
CA ALA B 247 -20.80 -10.99 32.44
C ALA B 247 -19.90 -11.22 31.23
N ASN B 248 -20.04 -12.35 30.55
CA ASN B 248 -19.17 -12.71 29.43
C ASN B 248 -19.90 -12.66 28.09
N ILE B 249 -20.96 -11.85 27.99
CA ILE B 249 -21.68 -11.73 26.72
C ILE B 249 -20.77 -11.19 25.64
N MET B 250 -19.95 -10.18 25.97
CA MET B 250 -19.01 -9.63 24.99
C MET B 250 -17.97 -10.67 24.59
N LEU B 251 -17.56 -11.52 25.53
CA LEU B 251 -16.58 -12.55 25.20
C LEU B 251 -17.16 -13.63 24.31
N MET B 252 -18.43 -13.98 24.50
CA MET B 252 -19.09 -14.91 23.59
C MET B 252 -19.27 -14.29 22.21
N HIS B 253 -19.52 -12.98 22.16
CA HIS B 253 -19.56 -12.27 20.88
C HIS B 253 -18.25 -12.46 20.12
N HIS B 254 -17.11 -12.34 20.81
CA HIS B 254 -15.82 -12.47 20.15
C HIS B 254 -15.56 -13.91 19.69
N VAL B 255 -15.92 -14.88 20.52
CA VAL B 255 -15.73 -16.28 20.14
C VAL B 255 -16.60 -16.62 18.93
N THR B 256 -17.85 -16.17 18.93
CA THR B 256 -18.76 -16.45 17.82
C THR B 256 -18.26 -15.82 16.53
N ALA B 257 -17.84 -14.56 16.59
CA ALA B 257 -17.39 -13.87 15.38
C ALA B 257 -16.12 -14.50 14.82
N ALA B 258 -15.15 -14.81 15.68
CA ALA B 258 -13.91 -15.41 15.21
C ALA B 258 -14.16 -16.79 14.62
N LEU B 259 -15.08 -17.56 15.21
CA LEU B 259 -15.38 -18.89 14.67
C LEU B 259 -16.02 -18.79 13.30
N ARG B 260 -16.97 -17.86 13.12
CA ARG B 260 -17.60 -17.68 11.82
C ARG B 260 -16.60 -17.20 10.78
N ALA B 261 -15.68 -16.32 11.18
CA ALA B 261 -14.69 -15.80 10.24
C ALA B 261 -13.79 -16.92 9.70
N HIS B 262 -13.47 -17.90 10.55
CA HIS B 262 -12.60 -18.99 10.13
C HIS B 262 -13.37 -20.06 9.36
N ALA B 263 -14.48 -20.53 9.92
CA ALA B 263 -15.17 -21.70 9.39
C ALA B 263 -16.13 -21.41 8.25
N LEU B 264 -16.64 -20.18 8.15
CA LEU B 264 -17.72 -19.88 7.22
C LEU B 264 -17.32 -18.98 6.06
N PHE B 265 -16.22 -18.25 6.16
CA PHE B 265 -15.85 -17.26 5.14
C PHE B 265 -14.44 -17.52 4.64
N THR B 266 -14.27 -17.38 3.33
CA THR B 266 -13.05 -17.77 2.64
C THR B 266 -12.49 -16.59 1.87
N ARG B 267 -11.18 -16.36 2.01
CA ARG B 267 -10.51 -15.32 1.24
C ARG B 267 -10.54 -15.67 -0.24
N ASP B 268 -10.70 -14.64 -1.07
CA ASP B 268 -10.85 -14.73 -2.52
C ASP B 268 -12.13 -15.44 -2.93
N VAL B 269 -13.04 -15.70 -1.99
CA VAL B 269 -14.35 -16.26 -2.30
C VAL B 269 -15.40 -15.31 -1.73
N ASP B 270 -15.52 -15.27 -0.41
CA ASP B 270 -16.50 -14.40 0.23
C ASP B 270 -15.97 -12.98 0.42
N TYR B 271 -14.66 -12.81 0.54
CA TYR B 271 -14.07 -11.49 0.75
C TYR B 271 -12.73 -11.41 0.04
N ILE B 272 -12.12 -10.23 0.10
CA ILE B 272 -10.86 -9.94 -0.57
C ILE B 272 -10.01 -9.08 0.35
N VAL B 273 -8.70 -9.30 0.34
CA VAL B 273 -7.75 -8.42 1.01
C VAL B 273 -7.06 -7.58 -0.05
N LYS B 274 -7.14 -6.26 0.09
CA LYS B 274 -6.57 -5.33 -0.88
C LYS B 274 -6.18 -4.04 -0.18
N ASP B 275 -4.91 -3.64 -0.34
CA ASP B 275 -4.39 -2.41 0.27
C ASP B 275 -4.58 -2.40 1.78
N GLY B 276 -4.44 -3.58 2.40
CA GLY B 276 -4.53 -3.68 3.83
C GLY B 276 -5.93 -3.68 4.40
N GLU B 277 -6.96 -3.83 3.56
CA GLU B 277 -8.34 -3.85 4.02
C GLU B 277 -8.99 -5.17 3.63
N VAL B 278 -10.00 -5.55 4.41
CA VAL B 278 -10.86 -6.68 4.06
C VAL B 278 -12.08 -6.13 3.33
N ILE B 279 -12.26 -6.55 2.09
CA ILE B 279 -13.31 -6.03 1.21
C ILE B 279 -14.28 -7.17 0.92
N ILE B 280 -15.55 -6.95 1.26
CA ILE B 280 -16.56 -7.98 1.09
C ILE B 280 -16.85 -8.21 -0.38
N VAL B 281 -16.96 -9.47 -0.76
CA VAL B 281 -17.34 -9.89 -2.09
C VAL B 281 -18.81 -10.32 -2.04
N ASP B 282 -19.68 -9.64 -2.80
CA ASP B 282 -21.11 -9.81 -2.61
C ASP B 282 -21.58 -11.16 -3.10
N GLU B 283 -21.40 -11.44 -4.38
CA GLU B 283 -21.80 -12.72 -4.95
C GLU B 283 -20.58 -13.48 -5.42
N HIS B 284 -20.75 -14.77 -5.72
CA HIS B 284 -19.68 -15.55 -6.30
C HIS B 284 -20.01 -15.84 -7.76
N THR B 285 -18.96 -16.05 -8.56
CA THR B 285 -19.09 -16.30 -9.99
C THR B 285 -19.69 -15.11 -10.75
N GLY B 286 -20.03 -14.03 -10.05
CA GLY B 286 -20.64 -12.87 -10.66
C GLY B 286 -20.95 -11.82 -9.61
N ARG B 287 -20.79 -10.54 -9.94
CA ARG B 287 -21.09 -9.43 -9.04
C ARG B 287 -20.41 -9.58 -7.68
N THR B 288 -19.08 -9.67 -7.72
CA THR B 288 -18.23 -9.82 -6.54
C THR B 288 -17.62 -8.47 -6.15
N MET B 289 -18.47 -7.54 -5.72
CA MET B 289 -17.91 -6.24 -5.32
C MET B 289 -18.87 -5.44 -4.46
N GLN B 290 -18.42 -5.04 -3.27
CA GLN B 290 -19.21 -4.26 -2.33
C GLN B 290 -18.28 -3.52 -1.38
N GLY B 291 -18.65 -2.30 -1.01
CA GLY B 291 -17.79 -1.46 -0.20
C GLY B 291 -18.24 -1.24 1.22
N ARG B 292 -19.00 -2.18 1.77
CA ARG B 292 -19.53 -2.08 3.13
C ARG B 292 -18.80 -3.06 4.05
N ARG B 293 -19.27 -3.14 5.29
CA ARG B 293 -18.65 -3.99 6.30
C ARG B 293 -19.67 -4.95 6.89
N TRP B 294 -19.21 -6.14 7.27
CA TRP B 294 -20.04 -7.09 7.99
C TRP B 294 -20.29 -6.59 9.42
N SER B 295 -21.46 -6.93 9.95
CA SER B 295 -21.85 -6.50 11.27
C SER B 295 -21.50 -7.56 12.31
N ASP B 296 -21.82 -7.26 13.58
CA ASP B 296 -21.67 -8.19 14.69
C ASP B 296 -20.24 -8.65 14.87
N GLY B 297 -19.27 -7.79 14.58
CA GLY B 297 -17.87 -8.10 14.80
C GLY B 297 -17.28 -9.08 13.82
N LEU B 298 -18.03 -9.52 12.81
CA LEU B 298 -17.49 -10.46 11.84
C LEU B 298 -16.38 -9.84 11.01
N HIS B 299 -16.55 -8.58 10.59
CA HIS B 299 -15.53 -7.93 9.78
C HIS B 299 -14.23 -7.75 10.56
N GLN B 300 -14.32 -7.36 11.83
CA GLN B 300 -13.14 -7.30 12.66
C GLN B 300 -12.52 -8.68 12.86
N ALA B 301 -13.34 -9.72 12.92
CA ALA B 301 -12.81 -11.08 13.08
C ALA B 301 -12.11 -11.56 11.83
N VAL B 302 -12.63 -11.20 10.65
CA VAL B 302 -11.96 -11.55 9.41
C VAL B 302 -10.64 -10.80 9.29
N GLU B 303 -10.62 -9.52 9.70
CA GLU B 303 -9.39 -8.77 9.69
C GLU B 303 -8.34 -9.41 10.60
N ALA B 304 -8.74 -9.83 11.79
CA ALA B 304 -7.81 -10.51 12.70
C ALA B 304 -7.39 -11.86 12.13
N LYS B 305 -8.31 -12.55 11.46
CA LYS B 305 -7.98 -13.84 10.86
C LYS B 305 -6.88 -13.70 9.81
N GLU B 306 -7.00 -12.71 8.93
CA GLU B 306 -6.02 -12.50 7.87
C GLU B 306 -4.81 -11.71 8.34
N GLY B 307 -4.78 -11.28 9.61
CA GLY B 307 -3.64 -10.55 10.11
C GLY B 307 -3.52 -9.13 9.60
N VAL B 308 -4.60 -8.54 9.11
CA VAL B 308 -4.59 -7.16 8.64
C VAL B 308 -5.12 -6.25 9.74
N GLN B 309 -5.10 -4.94 9.49
CA GLN B 309 -5.48 -3.97 10.50
C GLN B 309 -6.92 -4.14 10.92
N ILE B 310 -7.15 -4.25 12.23
CA ILE B 310 -8.49 -4.38 12.79
C ILE B 310 -9.02 -2.99 13.06
N GLN B 311 -10.10 -2.62 12.38
CA GLN B 311 -10.63 -1.27 12.44
C GLN B 311 -11.66 -1.13 13.54
N ASN B 312 -11.61 0.01 14.25
CA ASN B 312 -12.70 0.41 15.11
C ASN B 312 -13.80 1.05 14.26
N GLU B 313 -15.03 1.02 14.77
CA GLU B 313 -16.14 1.57 14.02
C GLU B 313 -17.28 1.90 14.97
N TYR B 314 -18.08 2.88 14.56
CA TYR B 314 -19.33 3.17 15.26
C TYR B 314 -20.35 2.09 14.95
N ASP B 315 -20.97 1.54 16.00
CA ASP B 315 -22.04 0.57 15.83
C ASP B 315 -23.33 1.32 15.55
N ILE B 316 -23.78 1.27 14.29
CA ILE B 316 -24.98 2.01 13.89
C ILE B 316 -26.25 1.47 14.53
N LYS B 317 -26.20 0.28 15.13
CA LYS B 317 -27.35 -0.31 15.78
C LYS B 317 -27.29 -0.22 17.31
N ASP B 318 -26.20 0.29 17.86
CA ASP B 318 -26.07 0.51 19.30
C ASP B 318 -26.22 2.01 19.54
N VAL B 319 -27.46 2.45 19.74
CA VAL B 319 -27.79 3.86 19.88
C VAL B 319 -28.26 4.10 21.31
N GLY B 320 -27.79 5.20 21.90
CA GLY B 320 -28.15 5.53 23.28
C GLY B 320 -29.04 6.75 23.40
N VAL B 321 -30.21 6.70 22.77
CA VAL B 321 -31.13 7.84 22.79
C VAL B 321 -32.22 7.60 23.82
N ASP B 322 -32.63 6.35 24.02
CA ASP B 322 -33.74 6.03 24.91
C ASP B 322 -33.29 5.29 26.17
N ASN B 323 -32.00 5.27 26.47
CA ASN B 323 -31.53 4.59 27.67
C ASN B 323 -31.86 5.43 28.90
N ALA B 324 -31.53 4.89 30.07
CA ALA B 324 -31.86 5.55 31.32
C ALA B 324 -31.13 6.89 31.45
N GLY B 325 -29.87 6.94 31.02
CA GLY B 325 -29.10 8.17 31.14
C GLY B 325 -29.68 9.30 30.30
N ALA B 326 -30.08 8.99 29.07
CA ALA B 326 -30.68 10.02 28.21
C ALA B 326 -32.04 10.44 28.73
N LYS B 327 -32.83 9.50 29.23
CA LYS B 327 -34.11 9.84 29.84
C LYS B 327 -33.91 10.75 31.05
N ALA B 328 -32.91 10.44 31.89
CA ALA B 328 -32.66 11.25 33.07
C ALA B 328 -32.27 12.67 32.71
N GLY B 329 -31.42 12.83 31.70
CA GLY B 329 -30.98 14.17 31.31
C GLY B 329 -32.09 15.00 30.70
N LEU B 330 -32.89 14.39 29.82
CA LEU B 330 -33.99 15.13 29.21
C LEU B 330 -35.12 15.37 30.19
N THR B 331 -35.37 14.43 31.11
CA THR B 331 -36.37 14.65 32.15
C THR B 331 -36.03 15.87 32.98
N PHE B 332 -34.75 16.04 33.34
CA PHE B 332 -34.34 17.21 34.08
C PHE B 332 -34.57 18.48 33.27
N LEU B 333 -34.29 18.43 31.96
CA LEU B 333 -34.52 19.59 31.11
C LEU B 333 -36.00 19.91 31.02
N VAL B 334 -36.85 18.89 30.90
CA VAL B 334 -38.29 19.13 30.83
C VAL B 334 -38.80 19.65 32.16
N ASP B 335 -38.33 19.07 33.28
CA ASP B 335 -38.72 19.59 34.59
C ASP B 335 -38.26 21.02 34.78
N LEU B 336 -37.13 21.41 34.16
CA LEU B 336 -36.72 22.81 34.18
C LEU B 336 -37.76 23.70 33.50
N ILE B 337 -38.32 23.24 32.39
CA ILE B 337 -39.32 24.02 31.68
C ILE B 337 -40.65 23.97 32.41
N LYS B 338 -41.03 22.81 32.93
CA LYS B 338 -42.26 22.69 33.68
C LYS B 338 -42.27 23.62 34.89
N ASN B 339 -41.12 23.72 35.58
CA ASN B 339 -40.99 24.62 36.72
C ASN B 339 -40.72 26.07 36.31
N LYS B 340 -40.82 26.37 35.02
CA LYS B 340 -40.73 27.74 34.49
C LYS B 340 -39.38 28.39 34.73
N HIS B 341 -38.33 27.59 34.97
CA HIS B 341 -36.98 28.13 34.98
C HIS B 341 -36.44 28.35 33.58
N MET B 342 -37.02 27.69 32.58
CA MET B 342 -36.65 27.87 31.19
C MET B 342 -37.92 27.86 30.34
N ASN B 343 -37.84 28.51 29.18
CA ASN B 343 -38.96 28.57 28.24
C ASN B 343 -38.71 27.60 27.10
N ALA B 344 -39.74 26.84 26.74
CA ALA B 344 -39.59 25.82 25.71
C ALA B 344 -39.30 26.39 24.33
N ASP B 345 -39.68 27.64 24.09
CA ASP B 345 -39.52 28.25 22.77
C ASP B 345 -38.21 29.01 22.60
N THR B 346 -37.36 29.04 23.62
CA THR B 346 -36.11 29.80 23.54
C THR B 346 -35.21 29.20 22.47
N ASP B 347 -34.86 30.01 21.47
CA ASP B 347 -33.95 29.60 20.42
C ASP B 347 -32.59 30.28 20.62
N TYR B 348 -31.80 30.34 19.55
CA TYR B 348 -30.46 30.93 19.66
C TYR B 348 -30.53 32.44 19.80
N SER B 349 -31.34 33.11 18.97
CA SER B 349 -31.39 34.56 19.00
C SER B 349 -31.98 35.07 20.30
N ILE B 350 -33.02 34.40 20.82
CA ILE B 350 -33.61 34.80 22.08
C ILE B 350 -32.61 34.68 23.22
N ALA B 351 -31.88 33.56 23.27
CA ALA B 351 -30.91 33.35 24.34
C ALA B 351 -29.73 34.31 24.20
N GLU B 352 -29.26 34.53 22.98
CA GLU B 352 -28.10 35.40 22.77
C GLU B 352 -28.41 36.83 23.22
N ALA B 353 -29.55 37.37 22.80
CA ALA B 353 -29.90 38.73 23.19
C ALA B 353 -30.13 38.83 24.69
N ALA B 354 -30.70 37.79 25.30
CA ALA B 354 -30.97 37.83 26.73
C ALA B 354 -29.68 37.93 27.53
N PHE B 355 -28.64 37.20 27.12
CA PHE B 355 -27.37 37.27 27.84
C PHE B 355 -26.60 38.53 27.51
N ASN B 356 -26.57 38.92 26.23
CA ASN B 356 -25.83 40.11 25.83
C ASN B 356 -26.48 41.40 26.32
N LYS B 357 -27.72 41.34 26.82
CA LYS B 357 -28.36 42.49 27.42
C LYS B 357 -28.48 42.37 28.93
N GLY B 358 -27.75 41.44 29.54
CA GLY B 358 -27.74 41.32 30.98
C GLY B 358 -29.01 40.81 31.61
N GLU B 359 -29.87 40.14 30.83
CA GLU B 359 -31.15 39.67 31.34
C GLU B 359 -31.08 38.28 31.94
N THR B 360 -30.07 37.49 31.58
CA THR B 360 -29.89 36.15 32.14
C THR B 360 -28.45 35.98 32.61
N ALA B 361 -28.28 35.21 33.68
CA ALA B 361 -26.96 35.06 34.29
C ALA B 361 -26.06 34.12 33.49
N MET B 362 -26.63 33.17 32.76
CA MET B 362 -25.83 32.16 32.08
C MET B 362 -26.40 31.86 30.70
N THR B 363 -25.52 31.42 29.81
CA THR B 363 -25.90 30.86 28.52
C THR B 363 -24.90 29.77 28.18
N ILE B 364 -25.27 28.94 27.21
CA ILE B 364 -24.42 27.85 26.75
C ILE B 364 -24.17 28.09 25.26
N ASN B 365 -22.92 28.35 24.90
CA ASN B 365 -22.56 28.68 23.53
C ASN B 365 -21.10 28.37 23.31
N GLY B 366 -20.65 28.56 22.07
CA GLY B 366 -19.29 28.26 21.69
C GLY B 366 -18.46 29.50 21.42
N PRO B 367 -17.21 29.30 21.00
CA PRO B 367 -16.31 30.45 20.77
C PRO B 367 -16.80 31.41 19.71
N TRP B 368 -17.65 30.96 18.79
CA TRP B 368 -18.17 31.83 17.75
C TRP B 368 -19.02 32.97 18.31
N ALA B 369 -19.56 32.81 19.52
CA ALA B 369 -20.41 33.81 20.12
C ALA B 369 -19.66 34.80 21.00
N TRP B 370 -18.34 34.68 21.12
CA TRP B 370 -17.60 35.52 22.06
C TRP B 370 -17.56 36.98 21.60
N SER B 371 -17.30 37.21 20.31
CA SER B 371 -17.12 38.58 19.83
C SER B 371 -18.40 39.40 19.99
N ASN B 372 -19.57 38.77 19.87
CA ASN B 372 -20.83 39.48 20.09
C ASN B 372 -20.97 39.89 21.55
N ILE B 373 -20.48 39.07 22.48
CA ILE B 373 -20.53 39.45 23.89
C ILE B 373 -19.50 40.53 24.18
N ASP B 374 -18.36 40.50 23.49
CA ASP B 374 -17.40 41.61 23.59
C ASP B 374 -18.05 42.93 23.18
N THR B 375 -18.80 42.91 22.07
CA THR B 375 -19.49 44.11 21.61
C THR B 375 -20.48 44.62 22.65
N SER B 376 -21.25 43.71 23.25
CA SER B 376 -22.23 44.09 24.25
C SER B 376 -21.60 44.60 25.55
N LYS B 377 -20.28 44.43 25.71
CA LYS B 377 -19.51 44.89 26.86
C LYS B 377 -19.89 44.19 28.15
N VAL B 378 -20.65 43.09 28.09
CA VAL B 378 -21.00 42.35 29.29
C VAL B 378 -19.75 41.70 29.88
N ASN B 379 -19.59 41.80 31.19
CA ASN B 379 -18.44 41.23 31.89
C ASN B 379 -18.70 39.75 32.12
N TYR B 380 -18.22 38.92 31.21
CA TYR B 380 -18.57 37.51 31.18
C TYR B 380 -17.35 36.63 31.38
N GLY B 381 -17.61 35.40 31.82
CA GLY B 381 -16.59 34.38 31.90
C GLY B 381 -17.04 33.13 31.16
N VAL B 382 -16.07 32.27 30.87
CA VAL B 382 -16.31 31.02 30.17
C VAL B 382 -15.66 29.89 30.96
N THR B 383 -16.44 28.87 31.29
CA THR B 383 -15.98 27.83 32.21
C THR B 383 -16.55 26.48 31.78
N VAL B 384 -16.30 25.48 32.62
CA VAL B 384 -16.76 24.11 32.35
C VAL B 384 -18.27 24.03 32.49
N LEU B 385 -18.87 23.20 31.64
CA LEU B 385 -20.32 23.00 31.69
C LEU B 385 -20.73 22.37 33.02
N PRO B 386 -21.95 22.61 33.47
CA PRO B 386 -22.40 22.02 34.75
C PRO B 386 -22.48 20.51 34.67
N THR B 387 -22.28 19.87 35.81
CA THR B 387 -22.41 18.42 35.92
C THR B 387 -23.87 18.05 36.20
N PHE B 388 -24.25 16.85 35.78
CA PHE B 388 -25.57 16.30 36.05
C PHE B 388 -25.41 14.94 36.69
N LYS B 389 -26.05 14.75 37.85
CA LYS B 389 -25.92 13.53 38.63
C LYS B 389 -24.45 13.22 38.91
N GLY B 390 -23.67 14.28 39.16
CA GLY B 390 -22.27 14.15 39.43
C GLY B 390 -21.38 13.89 38.24
N GLN B 391 -21.93 13.89 37.02
CA GLN B 391 -21.19 13.55 35.83
C GLN B 391 -21.14 14.71 34.85
N PRO B 392 -20.05 14.85 34.11
CA PRO B 392 -19.89 16.05 33.26
C PRO B 392 -20.86 16.06 32.09
N SER B 393 -21.23 17.27 31.68
CA SER B 393 -21.94 17.44 30.42
C SER B 393 -20.98 17.14 29.27
N LYS B 394 -21.45 16.37 28.29
CA LYS B 394 -20.61 15.90 27.19
C LYS B 394 -21.03 16.57 25.90
N PRO B 395 -20.47 17.73 25.56
CA PRO B 395 -20.80 18.37 24.28
C PRO B 395 -20.08 17.68 23.13
N PHE B 396 -20.68 17.79 21.95
CA PHE B 396 -20.03 17.29 20.76
C PHE B 396 -18.83 18.18 20.39
N VAL B 397 -17.77 17.54 19.89
CA VAL B 397 -16.54 18.23 19.55
C VAL B 397 -16.41 18.26 18.03
N GLY B 398 -16.23 19.47 17.49
CA GLY B 398 -15.94 19.66 16.08
C GLY B 398 -14.47 20.00 15.91
N VAL B 399 -13.80 19.25 15.05
CA VAL B 399 -12.39 19.43 14.78
C VAL B 399 -12.27 20.02 13.38
N LEU B 400 -12.07 21.34 13.30
CA LEU B 400 -11.79 21.98 12.03
C LEU B 400 -10.53 21.36 11.43
N SER B 401 -10.67 20.79 10.24
CA SER B 401 -9.59 20.01 9.64
C SER B 401 -9.34 20.49 8.21
N ALA B 402 -8.12 20.22 7.74
CA ALA B 402 -7.71 20.60 6.39
C ALA B 402 -7.44 19.32 5.60
N GLY B 403 -8.27 19.08 4.59
CA GLY B 403 -8.12 17.93 3.71
C GLY B 403 -7.51 18.33 2.38
N ILE B 404 -6.91 17.34 1.72
CA ILE B 404 -6.26 17.54 0.43
C ILE B 404 -7.10 16.85 -0.63
N ASN B 405 -7.38 17.59 -1.72
CA ASN B 405 -8.18 17.04 -2.82
C ASN B 405 -7.47 15.83 -3.42
N ALA B 406 -8.23 14.75 -3.59
CA ALA B 406 -7.67 13.55 -4.20
C ALA B 406 -7.21 13.79 -5.64
N ALA B 407 -7.77 14.78 -6.32
CA ALA B 407 -7.40 15.09 -7.69
C ALA B 407 -6.35 16.19 -7.78
N SER B 408 -5.82 16.64 -6.65
CA SER B 408 -4.86 17.74 -6.67
C SER B 408 -3.51 17.25 -7.18
N PRO B 409 -2.92 17.93 -8.17
CA PRO B 409 -1.54 17.62 -8.56
C PRO B 409 -0.49 18.31 -7.71
N ASN B 410 -0.89 18.95 -6.61
CA ASN B 410 0.00 19.69 -5.73
C ASN B 410 -0.03 19.13 -4.32
N LYS B 411 -0.15 17.80 -4.20
CA LYS B 411 -0.30 17.18 -2.89
C LYS B 411 0.92 17.41 -2.01
N GLU B 412 2.11 17.40 -2.60
CA GLU B 412 3.32 17.64 -1.82
C GLU B 412 3.43 19.10 -1.41
N LEU B 413 3.01 20.02 -2.28
CA LEU B 413 2.98 21.43 -1.91
C LEU B 413 1.99 21.68 -0.77
N ALA B 414 0.80 21.09 -0.87
CA ALA B 414 -0.19 21.26 0.18
C ALA B 414 0.30 20.67 1.50
N LYS B 415 1.00 19.54 1.43
CA LYS B 415 1.57 18.95 2.64
C LYS B 415 2.60 19.89 3.28
N GLU B 416 3.46 20.49 2.46
CA GLU B 416 4.48 21.39 3.00
C GLU B 416 3.85 22.63 3.61
N PHE B 417 2.84 23.20 2.94
CA PHE B 417 2.16 24.38 3.47
C PHE B 417 1.48 24.07 4.80
N LEU B 418 0.76 22.95 4.87
CA LEU B 418 0.01 22.64 6.08
C LEU B 418 0.94 22.28 7.24
N GLU B 419 1.96 21.47 6.97
CA GLU B 419 2.81 20.96 8.05
C GLU B 419 3.83 21.99 8.51
N ASN B 420 4.46 22.71 7.58
CA ASN B 420 5.58 23.58 7.91
C ASN B 420 5.20 25.04 8.06
N TYR B 421 4.01 25.45 7.61
CA TYR B 421 3.61 26.85 7.68
C TYR B 421 2.34 27.07 8.48
N LEU B 422 1.27 26.34 8.19
CA LEU B 422 0.03 26.57 8.92
C LEU B 422 0.10 25.98 10.32
N LEU B 423 0.36 24.68 10.43
CA LEU B 423 0.44 23.99 11.72
C LEU B 423 1.78 24.30 12.40
N THR B 424 1.97 25.60 12.68
CA THR B 424 3.02 26.10 13.54
C THR B 424 2.41 27.12 14.48
N ASP B 425 3.20 27.58 15.45
CA ASP B 425 2.72 28.64 16.33
C ASP B 425 2.40 29.90 15.55
N GLU B 426 3.30 30.31 14.64
CA GLU B 426 3.08 31.52 13.87
C GLU B 426 1.92 31.36 12.89
N GLY B 427 1.79 30.18 12.29
CA GLY B 427 0.70 29.97 11.35
C GLY B 427 -0.66 30.06 12.01
N LEU B 428 -0.86 29.29 13.08
CA LEU B 428 -2.14 29.31 13.77
C LEU B 428 -2.42 30.66 14.42
N GLU B 429 -1.38 31.38 14.84
CA GLU B 429 -1.59 32.70 15.43
C GLU B 429 -2.14 33.69 14.40
N ALA B 430 -1.62 33.65 13.18
CA ALA B 430 -2.11 34.56 12.14
C ALA B 430 -3.58 34.32 11.84
N VAL B 431 -4.00 33.05 11.81
CA VAL B 431 -5.41 32.74 11.60
C VAL B 431 -6.24 33.12 12.82
N ASN B 432 -5.73 32.78 14.01
CA ASN B 432 -6.48 33.04 15.25
C ASN B 432 -6.66 34.54 15.49
N LYS B 433 -5.68 35.35 15.10
CA LYS B 433 -5.82 36.80 15.25
C LYS B 433 -6.97 37.32 14.39
N ASP B 434 -7.17 36.74 13.22
CA ASP B 434 -8.24 37.15 12.33
C ASP B 434 -9.59 36.78 12.92
N LYS B 435 -9.86 35.47 13.04
CA LYS B 435 -11.04 34.97 13.72
C LYS B 435 -10.59 33.91 14.72
N PRO B 436 -11.08 33.96 15.96
CA PRO B 436 -10.60 33.01 16.97
C PRO B 436 -10.92 31.57 16.60
N LEU B 437 -9.92 30.70 16.72
CA LEU B 437 -10.08 29.27 16.47
C LEU B 437 -10.64 28.51 17.66
N GLY B 438 -10.63 29.11 18.84
CA GLY B 438 -10.94 28.36 20.05
C GLY B 438 -9.69 27.66 20.52
N ALA B 439 -9.83 26.38 20.89
CA ALA B 439 -8.66 25.57 21.13
C ALA B 439 -8.14 25.00 19.81
N VAL B 440 -6.86 24.61 19.80
CA VAL B 440 -6.22 24.10 18.60
C VAL B 440 -5.66 22.71 18.87
N ALA B 441 -5.38 21.99 17.78
CA ALA B 441 -4.83 20.64 17.88
C ALA B 441 -3.33 20.64 18.11
N LEU B 442 -2.63 21.71 17.73
CA LEU B 442 -1.19 21.79 17.93
C LEU B 442 -0.89 22.01 19.40
N LYS B 443 -0.19 21.05 20.01
CA LYS B 443 0.09 21.11 21.44
C LYS B 443 0.80 22.40 21.82
N SER B 444 1.82 22.77 21.06
CA SER B 444 2.65 23.93 21.43
C SER B 444 1.83 25.21 21.47
N TYR B 445 0.97 25.43 20.47
CA TYR B 445 0.19 26.65 20.47
C TYR B 445 -1.01 26.59 21.42
N GLU B 446 -1.57 25.39 21.62
CA GLU B 446 -2.66 25.27 22.58
C GLU B 446 -2.21 25.62 23.98
N GLU B 447 -0.96 25.27 24.33
CA GLU B 447 -0.44 25.63 25.64
C GLU B 447 -0.27 27.13 25.79
N GLU B 448 0.00 27.84 24.68
CA GLU B 448 -0.01 29.30 24.73
C GLU B 448 -1.43 29.83 24.87
N LEU B 449 -2.36 29.30 24.06
CA LEU B 449 -3.73 29.79 24.08
C LEU B 449 -4.42 29.48 25.40
N ALA B 450 -4.09 28.36 26.04
CA ALA B 450 -4.74 27.97 27.28
C ALA B 450 -4.49 28.95 28.41
N LYS B 451 -3.56 29.91 28.24
CA LYS B 451 -3.46 31.00 29.19
C LYS B 451 -4.76 31.80 29.28
N ASP B 452 -5.55 31.78 28.20
CA ASP B 452 -6.90 32.34 28.25
C ASP B 452 -7.84 31.31 28.88
N PRO B 453 -8.46 31.62 30.02
CA PRO B 453 -9.39 30.65 30.64
C PRO B 453 -10.58 30.30 29.76
N ARG B 454 -10.90 31.12 28.75
CA ARG B 454 -11.96 30.76 27.82
C ARG B 454 -11.53 29.61 26.90
N ILE B 455 -10.26 29.56 26.53
CA ILE B 455 -9.77 28.48 25.68
C ILE B 455 -9.54 27.22 26.49
N ALA B 456 -9.00 27.37 27.71
CA ALA B 456 -8.82 26.21 28.58
C ALA B 456 -10.16 25.58 28.92
N ALA B 457 -11.21 26.38 29.09
CA ALA B 457 -12.54 25.83 29.30
C ALA B 457 -13.05 25.13 28.04
N THR B 458 -12.83 25.74 26.88
CA THR B 458 -13.23 25.12 25.62
C THR B 458 -12.59 23.75 25.46
N MET B 459 -11.29 23.65 25.74
CA MET B 459 -10.61 22.36 25.62
C MET B 459 -11.08 21.40 26.71
N GLU B 460 -11.26 21.89 27.94
CA GLU B 460 -11.73 21.03 29.02
C GLU B 460 -13.09 20.45 28.71
N ASN B 461 -14.03 21.30 28.26
CA ASN B 461 -15.33 20.80 27.83
C ASN B 461 -15.21 19.85 26.65
N ALA B 462 -14.25 20.11 25.75
CA ALA B 462 -14.06 19.23 24.60
C ALA B 462 -13.50 17.87 25.02
N GLN B 463 -12.50 17.88 25.90
CA GLN B 463 -11.96 16.61 26.40
C GLN B 463 -13.00 15.84 27.20
N LYS B 464 -13.95 16.54 27.83
CA LYS B 464 -15.01 15.80 28.53
C LYS B 464 -16.15 15.40 27.61
N GLY B 465 -16.19 15.93 26.39
CA GLY B 465 -17.28 15.67 25.47
C GLY B 465 -17.06 14.42 24.64
N GLU B 466 -17.65 14.40 23.45
CA GLU B 466 -17.51 13.27 22.54
C GLU B 466 -17.27 13.80 21.13
N ILE B 467 -16.29 13.21 20.45
CA ILE B 467 -16.02 13.58 19.07
C ILE B 467 -17.27 13.36 18.23
N MET B 468 -17.57 14.34 17.39
CA MET B 468 -18.68 14.20 16.46
C MET B 468 -18.45 13.00 15.55
N PRO B 469 -19.33 12.01 15.55
CA PRO B 469 -19.15 10.88 14.62
C PRO B 469 -19.24 11.34 13.17
N ASN B 470 -18.36 10.78 12.34
CA ASN B 470 -18.28 11.16 10.93
C ASN B 470 -18.98 10.16 10.02
N ILE B 471 -20.00 9.47 10.53
CA ILE B 471 -20.70 8.45 9.77
C ILE B 471 -21.97 9.07 9.18
N PRO B 472 -22.50 8.54 8.08
CA PRO B 472 -23.70 9.16 7.48
C PRO B 472 -24.95 9.07 8.35
N GLN B 473 -25.03 8.09 9.25
CA GLN B 473 -26.21 7.95 10.10
C GLN B 473 -26.36 9.08 11.11
N MET B 474 -25.36 9.96 11.25
CA MET B 474 -25.47 11.06 12.19
C MET B 474 -26.56 12.05 11.78
N SER B 475 -26.79 12.21 10.47
CA SER B 475 -27.85 13.11 10.02
C SER B 475 -29.21 12.66 10.55
N ALA B 476 -29.49 11.35 10.47
CA ALA B 476 -30.72 10.83 11.06
C ALA B 476 -30.75 11.05 12.57
N PHE B 477 -29.59 11.05 13.22
CA PHE B 477 -29.55 11.30 14.65
C PHE B 477 -30.02 12.72 14.98
N TRP B 478 -29.52 13.71 14.25
CA TRP B 478 -29.85 15.10 14.54
C TRP B 478 -31.35 15.36 14.38
N TYR B 479 -31.93 14.91 13.27
CA TYR B 479 -33.32 15.25 12.98
C TYR B 479 -34.29 14.57 13.95
N ALA B 480 -34.00 13.32 14.34
CA ALA B 480 -34.92 12.62 15.23
C ALA B 480 -34.77 13.07 16.68
N VAL B 481 -33.56 13.43 17.10
CA VAL B 481 -33.40 14.02 18.43
C VAL B 481 -34.03 15.41 18.47
N ARG B 482 -33.93 16.16 17.37
CA ARG B 482 -34.56 17.47 17.29
C ARG B 482 -36.06 17.38 17.52
N THR B 483 -36.70 16.39 16.90
CA THR B 483 -38.13 16.19 17.12
C THR B 483 -38.42 15.71 18.54
N ALA B 484 -37.56 14.86 19.09
CA ALA B 484 -37.85 14.23 20.37
C ALA B 484 -37.85 15.24 21.51
N VAL B 485 -36.84 16.11 21.55
CA VAL B 485 -36.72 17.06 22.65
C VAL B 485 -37.80 18.14 22.58
N ILE B 486 -38.18 18.53 21.35
CA ILE B 486 -39.25 19.52 21.20
C ILE B 486 -40.57 18.94 21.70
N ASN B 487 -40.87 17.70 21.30
CA ASN B 487 -42.12 17.07 21.74
C ASN B 487 -42.11 16.83 23.25
N ALA B 488 -40.96 16.46 23.80
CA ALA B 488 -40.86 16.30 25.24
C ALA B 488 -40.96 17.64 25.95
N ALA B 489 -40.38 18.69 25.36
CA ALA B 489 -40.43 20.01 26.00
C ALA B 489 -41.81 20.64 25.84
N SER B 490 -42.44 20.45 24.69
CA SER B 490 -43.76 21.02 24.45
C SER B 490 -44.88 20.29 25.20
N GLY B 491 -44.58 19.13 25.78
CA GLY B 491 -45.61 18.32 26.41
C GLY B 491 -46.42 17.46 25.45
N ARG B 492 -46.13 17.52 24.15
CA ARG B 492 -46.84 16.67 23.21
C ARG B 492 -46.64 15.19 23.51
N GLN B 493 -45.44 14.83 23.97
CA GLN B 493 -45.13 13.47 24.37
C GLN B 493 -44.41 13.48 25.72
N THR B 494 -44.46 12.35 26.40
CA THR B 494 -43.61 12.15 27.56
C THR B 494 -42.16 12.06 27.12
N VAL B 495 -41.25 12.17 28.09
CA VAL B 495 -39.83 12.01 27.79
C VAL B 495 -39.56 10.61 27.26
N ASP B 496 -40.16 9.60 27.88
CA ASP B 496 -39.93 8.23 27.46
C ASP B 496 -40.50 7.96 26.07
N GLU B 497 -41.64 8.57 25.73
CA GLU B 497 -42.22 8.35 24.41
C GLU B 497 -41.46 9.11 23.34
N ALA B 498 -41.04 10.34 23.63
CA ALA B 498 -40.29 11.12 22.65
C ALA B 498 -38.95 10.49 22.34
N LEU B 499 -38.24 10.00 23.36
CA LEU B 499 -36.94 9.39 23.15
C LEU B 499 -37.07 8.00 22.53
N LYS B 500 -38.15 7.29 22.82
CA LYS B 500 -38.33 5.96 22.23
C LYS B 500 -38.63 6.07 20.74
N ASP B 501 -39.48 7.03 20.35
CA ASP B 501 -39.72 7.29 18.94
C ASP B 501 -38.43 7.62 18.21
N ALA B 502 -37.58 8.45 18.84
CA ALA B 502 -36.30 8.80 18.22
C ALA B 502 -35.41 7.58 18.07
N GLN B 503 -35.25 6.82 19.16
CA GLN B 503 -34.39 5.63 19.13
C GLN B 503 -34.78 4.69 18.01
N THR B 504 -36.07 4.44 17.85
CA THR B 504 -36.55 3.58 16.76
C THR B 504 -36.22 4.19 15.41
N ARG B 505 -36.34 5.52 15.29
CA ARG B 505 -36.02 6.16 14.01
C ARG B 505 -34.53 6.15 13.73
N ILE B 506 -33.69 6.25 14.76
CA ILE B 506 -32.25 6.19 14.55
C ILE B 506 -31.83 4.81 14.06
N THR B 507 -32.36 3.77 14.69
CA THR B 507 -31.93 2.40 14.44
C THR B 507 -32.53 1.82 13.16
N LYS B 508 -33.24 2.61 12.36
CA LYS B 508 -33.68 2.15 11.05
C LYS B 508 -32.99 2.96 9.97
#